data_6PND
#
_entry.id   6PND
#
_cell.length_a   52.234
_cell.length_b   122.302
_cell.length_c   165.291
_cell.angle_alpha   90.00
_cell.angle_beta   90.00
_cell.angle_gamma   90.00
#
_symmetry.space_group_name_H-M   'P 21 21 21'
#
loop_
_entity.id
_entity.type
_entity.pdbx_description
1 polymer 'Nitric oxide synthase, brain'
2 non-polymer 'PROTOPORPHYRIN IX CONTAINING FE'
3 non-polymer 5,6,7,8-TETRAHYDROBIOPTERIN
4 non-polymer 7-[3-(2-aminoethyl)phenyl]-4-methylquinolin-2-amine
5 non-polymer 'ZINC ION'
6 water water
#
_entity_poly.entity_id   1
_entity_poly.type   'polypeptide(L)'
_entity_poly.pdbx_seq_one_letter_code
;CPRFLKVKNWETEVVLTDTLHLKSTLETGCTEYICMGSIMHPSQHARRPEDVATKDQLFPLAKEFIDQYYSSIKRFGSKA
HMERLEEVNKEIDTTSTYQLKDTELIYGAKHAWRNASRCVGRIQWSKLQVFDARDCTTAHGMFNYICNHVKYATNKGNLR
SAITIFPQRTDGKHDFRVWNSQLIRYAGYKQPDGSTLGDPANVQFTEICIQQGWKPPRGRFDVLPLLLQANGNDPELFQI
PPELVLEVPIRHPKFEWFKDLGLKWYGLPAVSNMLLEIGGLEFSACPFSGWYMGTEIGVRDYCDNSRYNILEEVAKKMNL
DMRKTSSLWKDQALVEINIAVLYSFQSDKVTIVDHHSATESFIKHMENEYRCRGGCPADWVWIVPPMSGSITPVFHQEML
NYRLTPSFEYQPDPWNTHVWK
;
_entity_poly.pdbx_strand_id   A,B
#
loop_
_chem_comp.id
_chem_comp.type
_chem_comp.name
_chem_comp.formula
H4B non-polymer 5,6,7,8-TETRAHYDROBIOPTERIN 'C9 H15 N5 O3'
HEM non-polymer 'PROTOPORPHYRIN IX CONTAINING FE' 'C34 H32 Fe N4 O4'
OT4 non-polymer 7-[3-(2-aminoethyl)phenyl]-4-methylquinolin-2-amine 'C18 H19 N3'
ZN non-polymer 'ZINC ION' 'Zn 2'
#
# COMPACT_ATOMS: atom_id res chain seq x y z
N CYS A 1 -5.40 -17.61 17.26
CA CYS A 1 -4.10 -17.55 17.91
C CYS A 1 -3.27 -18.81 17.69
N PRO A 2 -2.63 -18.92 16.51
CA PRO A 2 -1.64 -19.97 16.26
C PRO A 2 -0.22 -19.44 16.45
N ARG A 3 0.74 -20.34 16.56
CA ARG A 3 2.09 -19.95 16.98
C ARG A 3 2.99 -19.46 15.85
N PHE A 4 2.69 -19.85 14.62
CA PHE A 4 3.50 -19.43 13.49
C PHE A 4 2.68 -18.65 12.49
N LEU A 5 3.32 -17.73 11.76
CA LEU A 5 2.68 -17.05 10.65
C LEU A 5 3.68 -16.92 9.53
N LYS A 6 3.25 -17.20 8.30
CA LYS A 6 4.18 -17.15 7.19
C LYS A 6 3.91 -15.97 6.28
N VAL A 7 4.97 -15.43 5.68
CA VAL A 7 4.84 -14.35 4.71
C VAL A 7 5.66 -14.71 3.48
N LYS A 8 5.06 -14.49 2.31
CA LYS A 8 5.69 -14.86 1.04
C LYS A 8 6.16 -13.65 0.26
N ASN A 9 7.34 -13.77 -0.34
CA ASN A 9 7.74 -12.86 -1.39
C ASN A 9 7.35 -13.40 -2.77
N TRP A 10 6.35 -12.79 -3.41
CA TRP A 10 5.78 -13.32 -4.66
C TRP A 10 6.65 -13.11 -5.89
N GLU A 11 7.82 -12.51 -5.69
CA GLU A 11 8.77 -12.28 -6.76
C GLU A 11 9.93 -13.26 -6.66
N THR A 12 10.28 -13.64 -5.44
CA THR A 12 11.42 -14.52 -5.18
C THR A 12 10.99 -15.81 -4.47
N GLU A 13 9.69 -15.97 -4.30
CA GLU A 13 9.10 -17.17 -3.69
C GLU A 13 9.63 -17.55 -2.29
N VAL A 14 10.48 -16.69 -1.72
CA VAL A 14 10.97 -16.90 -0.35
C VAL A 14 9.84 -16.78 0.67
N VAL A 15 9.78 -17.74 1.58
CA VAL A 15 8.79 -17.73 2.66
C VAL A 15 9.50 -17.54 4.00
N LEU A 16 8.96 -16.65 4.84
CA LEU A 16 9.52 -16.44 6.17
C LEU A 16 8.50 -16.82 7.21
N THR A 17 8.96 -17.02 8.43
CA THR A 17 8.10 -17.49 9.49
C THR A 17 8.15 -16.57 10.70
N ASP A 18 6.99 -16.01 11.04
CA ASP A 18 6.90 -15.02 12.09
C ASP A 18 6.45 -15.64 13.40
N THR A 19 7.31 -15.54 14.40
CA THR A 19 6.93 -15.94 15.75
C THR A 19 6.77 -14.71 16.67
N LEU A 20 7.43 -13.62 16.29
CA LEU A 20 7.57 -12.45 17.15
C LEU A 20 6.25 -11.76 17.44
N HIS A 21 5.27 -11.93 16.56
CA HIS A 21 3.95 -11.31 16.68
C HIS A 21 3.23 -11.73 17.95
N LEU A 22 3.70 -12.83 18.54
CA LEU A 22 3.10 -13.31 19.78
C LEU A 22 3.45 -12.40 20.94
N LYS A 23 4.51 -11.61 20.78
CA LYS A 23 4.91 -10.63 21.80
C LYS A 23 4.22 -9.28 21.58
N SER A 24 3.30 -9.25 20.63
CA SER A 24 2.55 -8.03 20.31
C SER A 24 1.79 -7.55 21.53
N THR A 25 1.60 -6.23 21.63
CA THR A 25 1.16 -5.62 22.87
C THR A 25 -0.24 -5.07 22.77
N LEU A 26 -0.37 -3.97 22.04
CA LEU A 26 -1.64 -3.28 21.95
C LEU A 26 -2.30 -3.53 20.62
N GLU A 27 -3.59 -3.26 20.58
CA GLU A 27 -4.41 -3.58 19.45
C GLU A 27 -4.12 -2.64 18.28
N THR A 28 -4.45 -3.08 17.06
CA THR A 28 -4.05 -2.40 15.83
C THR A 28 -5.16 -1.55 15.22
N GLY A 29 -6.37 -1.71 15.72
CA GLY A 29 -7.52 -1.04 15.12
C GLY A 29 -8.27 -2.01 14.22
N CYS A 30 -7.52 -2.86 13.53
CA CYS A 30 -8.10 -3.94 12.74
C CYS A 30 -8.95 -4.84 13.62
N THR A 31 -9.90 -5.56 13.01
CA THR A 31 -10.61 -6.62 13.71
C THR A 31 -10.73 -7.84 12.81
N GLU A 32 -11.45 -8.84 13.31
CA GLU A 32 -11.74 -10.03 12.52
C GLU A 32 -12.51 -9.68 11.24
N TYR A 33 -13.22 -8.56 11.26
CA TYR A 33 -14.16 -8.23 10.19
C TYR A 33 -13.84 -6.97 9.40
N ILE A 34 -12.88 -6.19 9.86
CA ILE A 34 -12.45 -5.01 9.11
C ILE A 34 -10.95 -4.83 9.18
N CYS A 35 -10.39 -4.13 8.21
CA CYS A 35 -8.97 -3.82 8.22
C CYS A 35 -8.72 -2.32 8.09
N MET A 36 -8.04 -1.78 9.09
CA MET A 36 -7.73 -0.36 9.16
C MET A 36 -6.35 -0.06 8.60
N GLY A 37 -5.73 -1.06 7.99
CA GLY A 37 -4.37 -0.94 7.49
C GLY A 37 -3.94 0.36 6.81
N SER A 38 -4.90 1.09 6.25
CA SER A 38 -4.61 2.33 5.52
C SER A 38 -5.11 3.57 6.26
N ILE A 39 -5.70 3.36 7.43
CA ILE A 39 -6.09 4.44 8.32
C ILE A 39 -4.80 5.01 8.94
N MET A 40 -4.62 6.33 8.87
CA MET A 40 -3.38 6.92 9.36
C MET A 40 -3.26 6.85 10.89
N HIS A 41 -4.34 7.19 11.60
CA HIS A 41 -4.34 7.13 13.05
C HIS A 41 -5.58 6.44 13.61
N PRO A 42 -5.55 5.09 13.73
CA PRO A 42 -6.71 4.33 14.22
C PRO A 42 -7.16 4.76 15.62
N GLU A 50 -4.62 12.86 28.88
CA GLU A 50 -3.81 12.79 30.08
C GLU A 50 -4.20 11.60 30.98
N ASP A 51 -4.31 10.42 30.39
CA ASP A 51 -4.43 9.21 31.19
C ASP A 51 -3.03 8.73 31.54
N VAL A 52 -2.30 9.52 32.31
CA VAL A 52 -0.97 9.13 32.76
C VAL A 52 -1.11 7.92 33.70
N ALA A 53 -0.27 6.92 33.49
CA ALA A 53 -0.41 5.62 34.14
C ALA A 53 -0.49 5.67 35.66
N THR A 54 -1.23 4.72 36.22
CA THR A 54 -1.33 4.53 37.66
C THR A 54 -0.30 3.50 38.10
N LYS A 55 -0.33 3.08 39.36
CA LYS A 55 0.63 2.10 39.86
C LYS A 55 0.38 0.70 39.30
N ASP A 56 -0.86 0.23 39.45
CA ASP A 56 -1.21 -1.13 39.03
C ASP A 56 -1.09 -1.31 37.52
N GLN A 57 -1.06 -0.20 36.80
CA GLN A 57 -0.84 -0.23 35.36
C GLN A 57 0.64 -0.25 35.06
N LEU A 58 1.44 0.42 35.89
CA LEU A 58 2.85 0.63 35.59
C LEU A 58 3.71 -0.57 35.98
N PHE A 59 3.40 -1.20 37.11
CA PHE A 59 4.11 -2.39 37.56
C PHE A 59 4.29 -3.40 36.41
N PRO A 60 3.19 -3.93 35.83
CA PRO A 60 3.40 -4.95 34.80
C PRO A 60 4.11 -4.43 33.55
N LEU A 61 3.84 -3.20 33.14
CA LEU A 61 4.54 -2.58 32.02
C LEU A 61 6.04 -2.43 32.28
N ALA A 62 6.38 -2.00 33.49
CA ALA A 62 7.79 -1.88 33.87
C ALA A 62 8.44 -3.26 33.87
N LYS A 63 7.78 -4.23 34.50
CA LYS A 63 8.31 -5.58 34.61
C LYS A 63 8.51 -6.21 33.23
N GLU A 64 7.53 -6.00 32.35
CA GLU A 64 7.60 -6.47 30.97
C GLU A 64 8.88 -5.98 30.30
N PHE A 65 9.15 -4.68 30.42
CA PHE A 65 10.31 -4.10 29.75
C PHE A 65 11.63 -4.51 30.40
N ILE A 66 11.68 -4.56 31.72
CA ILE A 66 12.93 -4.91 32.39
C ILE A 66 13.32 -6.35 32.07
N ASP A 67 12.33 -7.25 32.11
CA ASP A 67 12.52 -8.65 31.72
C ASP A 67 13.07 -8.75 30.31
N GLN A 68 12.46 -7.99 29.41
CA GLN A 68 12.96 -7.87 28.05
C GLN A 68 14.42 -7.36 28.02
N TYR A 69 14.73 -6.35 28.81
CA TYR A 69 16.09 -5.79 28.81
C TYR A 69 17.13 -6.83 29.24
N TYR A 70 16.84 -7.55 30.32
CA TYR A 70 17.82 -8.52 30.81
C TYR A 70 17.89 -9.74 29.93
N SER A 71 16.80 -10.04 29.23
CA SER A 71 16.80 -11.10 28.24
C SER A 71 17.76 -10.76 27.11
N SER A 72 17.70 -9.51 26.66
CA SER A 72 18.53 -9.04 25.54
C SER A 72 20.03 -9.10 25.83
N ILE A 73 20.41 -8.99 27.09
CA ILE A 73 21.82 -9.00 27.46
C ILE A 73 22.22 -10.30 28.17
N LYS A 74 21.39 -11.32 28.02
CA LYS A 74 21.69 -12.69 28.48
C LYS A 74 22.02 -12.77 29.97
N ARG A 75 21.15 -12.18 30.78
CA ARG A 75 21.25 -12.17 32.23
C ARG A 75 19.87 -12.36 32.84
N PHE A 76 18.96 -12.96 32.07
CA PHE A 76 17.59 -13.17 32.52
C PHE A 76 17.55 -14.14 33.69
N GLY A 77 16.95 -13.69 34.78
CA GLY A 77 16.88 -14.47 36.01
C GLY A 77 18.07 -14.24 36.93
N SER A 78 19.05 -13.48 36.45
CA SER A 78 20.24 -13.21 37.24
C SER A 78 19.91 -12.42 38.49
N LYS A 79 20.91 -12.32 39.35
CA LYS A 79 20.83 -11.51 40.56
C LYS A 79 20.47 -10.06 40.22
N ALA A 80 21.24 -9.48 39.30
CA ALA A 80 21.07 -8.09 38.91
C ALA A 80 19.67 -7.84 38.37
N HIS A 81 19.17 -8.79 37.59
CA HIS A 81 17.83 -8.71 37.02
C HIS A 81 16.78 -8.64 38.11
N MET A 82 16.87 -9.53 39.09
CA MET A 82 15.92 -9.57 40.20
C MET A 82 16.05 -8.34 41.08
N GLU A 83 17.26 -7.83 41.19
CA GLU A 83 17.52 -6.66 42.04
C GLU A 83 16.92 -5.43 41.41
N ARG A 84 17.07 -5.32 40.10
CA ARG A 84 16.52 -4.22 39.34
C ARG A 84 15.00 -4.18 39.49
N LEU A 85 14.36 -5.34 39.30
CA LEU A 85 12.91 -5.48 39.49
C LEU A 85 12.51 -5.00 40.88
N GLU A 86 13.25 -5.45 41.89
CA GLU A 86 12.96 -5.05 43.26
C GLU A 86 13.08 -3.53 43.43
N GLU A 87 14.08 -2.95 42.78
CA GLU A 87 14.34 -1.51 42.87
C GLU A 87 13.27 -0.71 42.11
N VAL A 88 12.94 -1.15 40.90
CA VAL A 88 11.90 -0.47 40.11
C VAL A 88 10.53 -0.56 40.79
N ASN A 89 10.24 -1.70 41.42
CA ASN A 89 8.95 -1.88 42.08
C ASN A 89 8.81 -1.04 43.35
N LYS A 90 9.90 -0.90 44.11
CA LYS A 90 9.90 -0.06 45.30
C LYS A 90 9.78 1.42 44.91
N GLU A 91 10.44 1.78 43.82
CA GLU A 91 10.43 3.15 43.35
C GLU A 91 9.03 3.56 42.91
N ILE A 92 8.32 2.65 42.25
CA ILE A 92 6.96 2.91 41.79
C ILE A 92 6.01 3.00 42.97
N ASP A 93 6.22 2.14 43.96
CA ASP A 93 5.32 2.10 45.11
C ASP A 93 5.34 3.40 45.90
N THR A 94 6.47 4.11 45.88
CA THR A 94 6.65 5.28 46.73
C THR A 94 6.90 6.57 45.95
N THR A 95 6.87 6.51 44.62
CA THR A 95 6.95 7.72 43.81
C THR A 95 5.99 7.67 42.61
N SER A 96 5.26 6.57 42.49
CA SER A 96 4.33 6.34 41.38
C SER A 96 5.01 6.36 40.01
N THR A 97 6.34 6.36 40.00
CA THR A 97 7.09 6.37 38.76
C THR A 97 8.43 5.68 38.99
N TYR A 98 9.30 5.69 37.98
CA TYR A 98 10.67 5.21 38.16
C TYR A 98 11.53 5.80 37.08
N GLN A 99 12.83 5.79 37.29
CA GLN A 99 13.79 6.31 36.32
C GLN A 99 14.53 5.17 35.66
N LEU A 100 14.87 5.36 34.39
CA LEU A 100 15.63 4.38 33.65
C LEU A 100 17.13 4.61 33.83
N LYS A 101 17.87 3.53 34.06
CA LYS A 101 19.33 3.58 33.99
C LYS A 101 19.73 4.00 32.59
N ASP A 102 20.93 4.51 32.41
CA ASP A 102 21.34 5.00 31.10
C ASP A 102 21.34 3.86 30.08
N THR A 103 21.62 2.64 30.53
CA THR A 103 21.66 1.49 29.64
C THR A 103 20.26 1.11 29.14
N GLU A 104 19.30 1.15 30.06
CA GLU A 104 17.93 0.79 29.74
C GLU A 104 17.35 1.82 28.79
N LEU A 105 17.57 3.08 29.10
CA LEU A 105 17.20 4.19 28.22
C LEU A 105 17.77 4.02 26.80
N ILE A 106 19.02 3.61 26.69
CA ILE A 106 19.67 3.49 25.39
C ILE A 106 19.12 2.32 24.60
N TYR A 107 18.95 1.19 25.30
CA TYR A 107 18.24 0.03 24.79
C TYR A 107 16.85 0.38 24.23
N GLY A 108 16.03 0.99 25.08
CA GLY A 108 14.69 1.44 24.74
C GLY A 108 14.59 2.29 23.48
N ALA A 109 15.45 3.29 23.37
CA ALA A 109 15.48 4.13 22.19
C ALA A 109 15.70 3.30 20.94
N LYS A 110 16.75 2.49 20.96
CA LYS A 110 17.12 1.70 19.81
C LYS A 110 16.00 0.72 19.42
N HIS A 111 15.24 0.26 20.41
CA HIS A 111 14.24 -0.75 20.12
C HIS A 111 12.92 -0.13 19.74
N ALA A 112 12.74 1.12 20.09
CA ALA A 112 11.61 1.87 19.58
C ALA A 112 11.77 2.07 18.08
N TRP A 113 12.99 2.34 17.65
CA TRP A 113 13.28 2.51 16.24
C TRP A 113 13.10 1.17 15.52
N ARG A 114 13.65 0.13 16.13
CA ARG A 114 13.65 -1.20 15.58
C ARG A 114 12.22 -1.72 15.40
N ASN A 115 11.34 -1.30 16.31
CA ASN A 115 9.96 -1.76 16.36
C ASN A 115 8.99 -0.97 15.48
N ALA A 116 9.48 0.12 14.89
CA ALA A 116 8.64 1.08 14.17
C ALA A 116 8.21 0.57 12.79
N SER A 117 7.06 -0.08 12.75
CA SER A 117 6.62 -0.80 11.54
CA SER A 117 6.55 -0.77 11.55
C SER A 117 6.63 0.05 10.26
N ARG A 118 6.44 1.37 10.36
CA ARG A 118 6.40 2.20 9.15
C ARG A 118 7.75 2.72 8.64
N CYS A 119 8.84 2.42 9.35
CA CYS A 119 10.14 2.96 8.93
C CYS A 119 10.94 1.99 8.04
N VAL A 120 11.31 2.46 6.85
CA VAL A 120 12.02 1.62 5.91
C VAL A 120 13.53 1.57 6.20
N GLY A 121 14.02 2.51 6.99
CA GLY A 121 15.45 2.64 7.20
C GLY A 121 15.98 1.91 8.42
N ARG A 122 15.19 1.00 8.98
CA ARG A 122 15.51 0.32 10.25
C ARG A 122 16.75 -0.59 10.26
N ILE A 123 17.36 -0.84 9.11
CA ILE A 123 18.55 -1.67 9.06
C ILE A 123 19.70 -1.05 9.86
N GLN A 124 19.53 0.23 10.20
CA GLN A 124 20.53 1.05 10.87
C GLN A 124 20.31 1.09 12.38
N TRP A 125 19.16 0.56 12.80
CA TRP A 125 18.65 0.73 14.16
C TRP A 125 19.71 0.64 15.28
N SER A 126 20.57 -0.37 15.27
CA SER A 126 21.53 -0.54 16.36
C SER A 126 22.53 0.62 16.43
N LYS A 127 22.83 1.20 15.27
CA LYS A 127 23.74 2.35 15.15
C LYS A 127 23.06 3.70 15.37
N LEU A 128 22.62 3.97 16.60
CA LEU A 128 21.91 5.22 16.90
C LEU A 128 22.53 5.91 18.11
N GLN A 129 22.90 7.19 17.96
CA GLN A 129 23.52 7.93 19.05
C GLN A 129 22.45 8.52 19.97
N VAL A 130 22.41 8.05 21.21
CA VAL A 130 21.38 8.47 22.15
C VAL A 130 21.88 9.59 23.09
N PHE A 131 21.21 10.73 23.04
CA PHE A 131 21.58 11.85 23.90
C PHE A 131 20.61 11.97 25.08
N ASP A 132 21.08 11.62 26.25
CA ASP A 132 20.36 11.80 27.50
C ASP A 132 20.33 13.27 27.88
N ALA A 133 19.12 13.82 28.03
CA ALA A 133 18.91 15.20 28.41
C ALA A 133 17.80 15.24 29.43
N ARG A 134 17.70 14.16 30.21
CA ARG A 134 16.74 14.10 31.30
C ARG A 134 17.05 15.06 32.44
N ASP A 135 18.21 15.72 32.42
CA ASP A 135 18.53 16.76 33.44
C ASP A 135 18.16 18.18 33.00
N CYS A 136 17.48 18.30 31.87
CA CYS A 136 17.06 19.60 31.38
C CYS A 136 15.96 20.15 32.28
N THR A 137 15.95 21.45 32.51
CA THR A 137 14.87 22.04 33.31
C THR A 137 14.23 23.26 32.67
N THR A 138 14.82 23.78 31.59
CA THR A 138 14.35 25.03 30.98
C THR A 138 14.41 25.01 29.46
N ALA A 139 13.67 25.92 28.84
CA ALA A 139 13.65 26.04 27.39
C ALA A 139 15.01 26.39 26.80
N HIS A 140 15.77 27.23 27.49
CA HIS A 140 17.10 27.58 27.02
C HIS A 140 17.99 26.34 26.99
N GLY A 141 17.83 25.48 27.99
CA GLY A 141 18.58 24.23 28.06
C GLY A 141 18.20 23.27 26.95
N MET A 142 16.89 23.12 26.74
CA MET A 142 16.38 22.33 25.63
C MET A 142 17.03 22.77 24.35
N PHE A 143 17.04 24.08 24.13
CA PHE A 143 17.61 24.64 22.92
C PHE A 143 19.08 24.29 22.79
N ASN A 144 19.82 24.38 23.89
CA ASN A 144 21.23 23.98 23.95
C ASN A 144 21.40 22.52 23.47
N TYR A 145 20.68 21.61 24.11
CA TYR A 145 20.66 20.21 23.68
C TYR A 145 20.28 20.00 22.19
N ILE A 146 19.28 20.72 21.72
CA ILE A 146 18.83 20.57 20.33
C ILE A 146 19.91 21.05 19.35
N CYS A 147 20.59 22.15 19.67
CA CYS A 147 21.68 22.66 18.83
C CYS A 147 22.83 21.69 18.72
N ASN A 148 23.17 21.05 19.85
CA ASN A 148 24.20 20.02 19.87
C ASN A 148 23.76 18.79 19.09
N HIS A 149 22.49 18.41 19.22
CA HIS A 149 21.94 17.29 18.46
C HIS A 149 22.11 17.59 16.98
N VAL A 150 21.74 18.79 16.57
CA VAL A 150 21.78 19.10 15.14
C VAL A 150 23.20 19.10 14.59
N LYS A 151 24.15 19.72 15.31
CA LYS A 151 25.53 19.76 14.85
C LYS A 151 26.11 18.35 14.73
N TYR A 152 25.85 17.55 15.76
CA TYR A 152 26.36 16.21 15.78
C TYR A 152 25.73 15.36 14.63
N ALA A 153 24.40 15.35 14.55
CA ALA A 153 23.67 14.63 13.46
C ALA A 153 24.08 15.05 12.05
N THR A 154 24.33 16.35 11.84
CA THR A 154 24.67 16.87 10.53
C THR A 154 26.09 16.51 10.09
N ASN A 155 27.06 16.64 11.00
CA ASN A 155 28.42 16.17 10.78
C ASN A 155 29.03 16.64 9.46
N LYS A 156 28.71 17.86 9.07
CA LYS A 156 29.21 18.47 7.84
C LYS A 156 28.75 17.75 6.58
N GLY A 157 27.63 17.05 6.64
CA GLY A 157 27.10 16.34 5.49
C GLY A 157 27.13 14.83 5.61
N ASN A 158 28.05 14.34 6.43
CA ASN A 158 28.12 12.91 6.70
C ASN A 158 27.16 12.55 7.82
N LEU A 159 25.86 12.62 7.53
CA LEU A 159 24.84 12.56 8.56
C LEU A 159 24.87 11.26 9.40
N ARG A 160 24.58 11.40 10.68
CA ARG A 160 24.56 10.28 11.63
C ARG A 160 23.25 10.31 12.40
N SER A 161 22.61 9.16 12.53
CA SER A 161 21.35 9.09 13.24
C SER A 161 21.55 9.36 14.72
N ALA A 162 20.61 10.09 15.31
CA ALA A 162 20.69 10.45 16.72
C ALA A 162 19.33 10.78 17.30
N ILE A 163 19.17 10.53 18.59
CA ILE A 163 17.96 10.91 19.32
C ILE A 163 18.34 11.68 20.60
N THR A 164 17.61 12.75 20.89
CA THR A 164 17.75 13.41 22.18
C THR A 164 16.49 13.20 22.99
N ILE A 165 16.64 12.69 24.21
CA ILE A 165 15.51 12.39 25.08
C ILE A 165 15.46 13.32 26.31
N PHE A 166 14.38 14.08 26.41
CA PHE A 166 14.15 15.04 27.48
C PHE A 166 13.38 14.37 28.62
N PRO A 167 13.21 15.07 29.77
CA PRO A 167 12.61 14.38 30.92
C PRO A 167 11.24 13.79 30.62
N GLN A 168 10.96 12.61 31.18
CA GLN A 168 9.70 11.90 30.98
C GLN A 168 8.53 12.63 31.61
N ARG A 169 7.33 12.40 31.09
CA ARG A 169 6.10 12.91 31.66
C ARG A 169 5.96 12.53 33.15
N THR A 170 5.35 13.40 33.94
CA THR A 170 5.07 13.09 35.35
C THR A 170 3.57 13.09 35.62
N ASP A 171 3.00 14.26 35.91
CA ASP A 171 1.57 14.33 36.21
C ASP A 171 0.75 14.70 34.98
N GLY A 172 1.42 15.03 33.88
CA GLY A 172 0.75 15.47 32.67
C GLY A 172 0.67 16.98 32.53
N LYS A 173 0.89 17.70 33.64
CA LYS A 173 0.85 19.15 33.64
C LYS A 173 2.24 19.76 33.44
N HIS A 174 3.26 18.91 33.53
CA HIS A 174 4.63 19.40 33.46
C HIS A 174 5.41 18.80 32.29
N ASP A 175 4.72 18.60 31.16
CA ASP A 175 5.36 17.97 30.00
C ASP A 175 6.40 18.85 29.34
N PHE A 176 7.50 18.23 28.89
CA PHE A 176 8.42 18.85 27.94
C PHE A 176 7.92 18.58 26.52
N ARG A 177 7.86 19.60 25.67
CA ARG A 177 7.48 19.40 24.28
C ARG A 177 8.31 20.22 23.30
N VAL A 178 8.63 19.63 22.15
CA VAL A 178 9.01 20.45 21.00
C VAL A 178 7.76 20.68 20.13
N TRP A 179 7.31 21.93 20.03
CA TRP A 179 6.09 22.24 19.29
C TRP A 179 6.28 22.06 17.78
N ASN A 180 7.48 22.33 17.27
CA ASN A 180 7.84 21.98 15.90
C ASN A 180 7.54 20.52 15.57
N SER A 181 7.14 20.23 14.33
CA SER A 181 6.91 18.85 13.92
C SER A 181 8.25 18.25 13.51
N GLN A 182 9.04 19.04 12.79
CA GLN A 182 10.47 18.76 12.63
C GLN A 182 11.32 19.90 13.14
N LEU A 183 12.52 19.59 13.62
CA LEU A 183 13.43 20.62 14.14
C LEU A 183 13.74 21.65 13.06
N ILE A 184 13.88 21.18 11.83
CA ILE A 184 14.12 22.05 10.70
C ILE A 184 12.99 21.95 9.69
N ARG A 185 12.14 23.00 9.61
CA ARG A 185 11.16 23.13 8.53
C ARG A 185 11.07 24.55 7.99
N TYR A 186 10.57 24.66 6.76
CA TYR A 186 10.35 25.94 6.11
C TYR A 186 8.97 26.49 6.41
N ALA A 187 8.91 27.80 6.65
CA ALA A 187 7.65 28.48 6.93
C ALA A 187 6.70 28.49 5.72
N GLY A 188 5.41 28.45 6.01
CA GLY A 188 4.38 28.69 5.01
C GLY A 188 3.55 29.89 5.40
N TYR A 189 3.38 30.82 4.48
CA TYR A 189 2.61 32.02 4.77
C TYR A 189 1.35 32.09 3.92
N LYS A 190 0.18 32.05 4.56
CA LYS A 190 -1.06 32.22 3.80
C LYS A 190 -1.18 33.67 3.35
N GLN A 191 -1.56 33.87 2.09
CA GLN A 191 -1.75 35.21 1.54
C GLN A 191 -3.24 35.55 1.45
N PRO A 192 -3.58 36.85 1.53
CA PRO A 192 -4.98 37.28 1.45
C PRO A 192 -5.66 36.89 0.12
N ASP A 193 -4.87 36.69 -0.94
CA ASP A 193 -5.42 36.36 -2.24
C ASP A 193 -5.62 34.84 -2.43
N GLY A 194 -5.35 34.07 -1.38
CA GLY A 194 -5.62 32.65 -1.42
C GLY A 194 -4.42 31.76 -1.73
N SER A 195 -3.31 32.33 -2.19
CA SER A 195 -2.10 31.54 -2.45
C SER A 195 -1.26 31.33 -1.19
N THR A 196 -0.27 30.47 -1.30
CA THR A 196 0.64 30.20 -0.18
C THR A 196 2.09 30.37 -0.62
N LEU A 197 2.84 31.13 0.16
CA LEU A 197 4.27 31.29 -0.05
C LEU A 197 5.01 30.39 0.95
N GLY A 198 6.10 29.78 0.51
CA GLY A 198 6.81 28.83 1.35
C GLY A 198 6.15 27.45 1.34
N ASP A 199 6.14 26.79 2.49
CA ASP A 199 5.65 25.41 2.57
C ASP A 199 4.23 25.33 3.13
N PRO A 200 3.26 24.98 2.28
CA PRO A 200 1.83 24.95 2.64
C PRO A 200 1.54 24.01 3.81
N ALA A 201 2.37 22.99 3.97
CA ALA A 201 2.30 22.07 5.11
C ALA A 201 2.42 22.75 6.48
N ASN A 202 3.18 23.84 6.55
CA ASN A 202 3.53 24.40 7.86
C ASN A 202 2.87 25.76 8.11
N VAL A 203 1.80 26.03 7.37
CA VAL A 203 1.13 27.32 7.48
C VAL A 203 0.62 27.52 8.90
N GLN A 204 0.02 26.49 9.47
CA GLN A 204 -0.61 26.62 10.77
C GLN A 204 0.45 26.93 11.82
N PHE A 205 1.55 26.18 11.78
CA PHE A 205 2.58 26.35 12.79
C PHE A 205 3.30 27.68 12.61
N THR A 206 3.37 28.16 11.38
CA THR A 206 3.96 29.47 11.12
C THR A 206 3.18 30.59 11.82
N GLU A 207 1.85 30.51 11.77
CA GLU A 207 1.00 31.53 12.40
C GLU A 207 1.14 31.51 13.91
N ILE A 208 1.34 30.31 14.47
CA ILE A 208 1.57 30.14 15.90
C ILE A 208 2.85 30.87 16.31
N CYS A 209 3.92 30.62 15.54
CA CYS A 209 5.21 31.27 15.76
C CYS A 209 5.11 32.80 15.68
N ILE A 210 4.45 33.27 14.63
CA ILE A 210 4.26 34.69 14.39
C ILE A 210 3.50 35.33 15.54
N GLN A 211 2.47 34.64 16.01
CA GLN A 211 1.68 35.12 17.13
C GLN A 211 2.50 35.14 18.44
N GLN A 212 3.44 34.20 18.57
CA GLN A 212 4.27 34.14 19.76
C GLN A 212 5.39 35.16 19.72
N GLY A 213 5.52 35.85 18.60
CA GLY A 213 6.49 36.95 18.52
C GLY A 213 7.49 36.90 17.38
N TRP A 214 7.39 35.88 16.53
CA TRP A 214 8.37 35.69 15.46
C TRP A 214 8.23 36.78 14.39
N LYS A 215 9.36 37.35 13.99
CA LYS A 215 9.40 38.28 12.87
C LYS A 215 9.82 37.49 11.64
N PRO A 216 8.85 37.13 10.80
CA PRO A 216 9.14 36.33 9.60
C PRO A 216 9.76 37.15 8.47
N PRO A 217 10.77 36.58 7.78
CA PRO A 217 11.30 37.28 6.61
C PRO A 217 10.35 37.17 5.42
N ARG A 218 9.33 36.33 5.58
CA ARG A 218 8.30 36.12 4.56
C ARG A 218 8.95 35.79 3.22
N GLY A 219 9.73 34.71 3.22
CA GLY A 219 10.43 34.25 2.04
C GLY A 219 10.00 32.85 1.65
N ARG A 220 10.62 32.31 0.61
CA ARG A 220 10.28 31.00 0.08
C ARG A 220 10.82 29.88 0.96
N PHE A 221 12.02 30.10 1.50
CA PHE A 221 12.70 29.08 2.30
C PHE A 221 13.19 29.67 3.61
N ASP A 222 12.24 29.98 4.48
CA ASP A 222 12.52 30.50 5.81
C ASP A 222 12.48 29.40 6.84
N VAL A 223 13.63 29.11 7.44
CA VAL A 223 13.71 28.16 8.54
C VAL A 223 12.92 28.66 9.75
N LEU A 224 11.93 27.89 10.16
CA LEU A 224 11.14 28.24 11.31
C LEU A 224 12.01 28.21 12.56
N PRO A 225 11.63 28.98 13.58
CA PRO A 225 12.34 28.93 14.86
C PRO A 225 11.89 27.73 15.67
N LEU A 226 12.64 27.37 16.71
CA LEU A 226 12.17 26.36 17.64
C LEU A 226 11.19 26.96 18.63
N LEU A 227 10.11 26.21 18.88
CA LEU A 227 9.13 26.54 19.91
C LEU A 227 9.18 25.46 20.98
N LEU A 228 9.73 25.80 22.15
CA LEU A 228 10.13 24.80 23.14
C LEU A 228 9.49 25.00 24.50
N GLN A 229 8.89 23.92 24.99
CA GLN A 229 8.17 23.93 26.24
C GLN A 229 8.85 23.02 27.25
N ALA A 230 9.25 23.59 28.38
CA ALA A 230 9.90 22.83 29.43
C ALA A 230 9.00 22.77 30.66
N ASN A 231 8.77 21.56 31.14
CA ASN A 231 8.13 21.39 32.44
C ASN A 231 6.77 22.08 32.51
N GLY A 232 6.01 22.00 31.43
CA GLY A 232 4.66 22.52 31.40
C GLY A 232 4.51 24.02 31.15
N ASN A 233 5.60 24.78 31.23
CA ASN A 233 5.53 26.23 31.01
C ASN A 233 5.15 26.59 29.58
N ASP A 234 4.65 27.81 29.39
CA ASP A 234 4.41 28.35 28.05
C ASP A 234 5.67 28.14 27.23
N PRO A 235 5.52 27.83 25.95
CA PRO A 235 6.70 27.61 25.09
C PRO A 235 7.43 28.90 24.76
N GLU A 236 8.69 28.78 24.36
CA GLU A 236 9.50 29.95 24.06
C GLU A 236 10.20 29.83 22.70
N LEU A 237 10.36 30.96 22.02
CA LEU A 237 10.98 30.96 20.70
C LEU A 237 12.52 31.08 20.74
N PHE A 238 13.18 30.32 19.87
CA PHE A 238 14.63 30.35 19.71
C PHE A 238 15.00 30.19 18.24
N GLN A 239 15.87 31.06 17.75
CA GLN A 239 16.32 30.94 16.37
C GLN A 239 17.46 29.94 16.30
N ILE A 240 17.33 28.93 15.46
CA ILE A 240 18.44 28.02 15.23
C ILE A 240 19.53 28.75 14.45
N PRO A 241 20.79 28.64 14.90
CA PRO A 241 21.91 29.29 14.21
C PRO A 241 22.04 28.82 12.77
N PRO A 242 21.89 29.74 11.81
CA PRO A 242 21.81 29.47 10.37
C PRO A 242 22.98 28.64 9.84
N GLU A 243 24.12 28.67 10.53
CA GLU A 243 25.28 27.89 10.16
C GLU A 243 25.03 26.41 10.44
N LEU A 244 24.17 26.14 11.42
CA LEU A 244 23.92 24.77 11.83
C LEU A 244 22.93 24.04 10.91
N VAL A 245 22.19 24.79 10.09
CA VAL A 245 21.24 24.26 9.12
C VAL A 245 21.91 24.08 7.75
N LEU A 246 22.26 22.83 7.45
CA LEU A 246 22.82 22.47 6.16
C LEU A 246 21.72 22.36 5.11
N GLU A 247 21.95 22.97 3.95
CA GLU A 247 20.95 23.06 2.89
C GLU A 247 21.55 22.70 1.55
N VAL A 248 20.76 22.05 0.71
CA VAL A 248 21.21 21.67 -0.63
C VAL A 248 20.41 22.37 -1.72
N PRO A 249 21.06 23.22 -2.52
CA PRO A 249 20.36 23.79 -3.68
C PRO A 249 20.09 22.71 -4.72
N ILE A 250 18.89 22.67 -5.28
CA ILE A 250 18.53 21.59 -6.20
C ILE A 250 18.82 21.96 -7.65
N ARG A 251 19.61 21.10 -8.29
CA ARG A 251 19.89 21.25 -9.71
C ARG A 251 19.86 19.89 -10.40
N HIS A 252 20.02 19.90 -11.71
CA HIS A 252 19.78 18.72 -12.53
C HIS A 252 20.99 18.42 -13.40
N PRO A 253 21.35 17.13 -13.49
CA PRO A 253 22.52 16.72 -14.27
C PRO A 253 22.41 17.08 -15.76
N LYS A 254 21.18 17.17 -16.27
CA LYS A 254 20.99 17.42 -17.70
C LYS A 254 20.25 18.72 -18.00
N PHE A 255 19.32 19.11 -17.12
CA PHE A 255 18.52 20.31 -17.37
C PHE A 255 19.13 21.56 -16.74
N GLU A 256 19.75 22.38 -17.58
CA GLU A 256 20.42 23.59 -17.12
C GLU A 256 19.45 24.55 -16.47
N TRP A 257 18.20 24.50 -16.90
CA TRP A 257 17.20 25.43 -16.39
C TRP A 257 16.67 25.01 -15.04
N PHE A 258 17.06 23.82 -14.58
CA PHE A 258 16.47 23.32 -13.34
C PHE A 258 16.88 24.16 -12.14
N LYS A 259 18.11 24.67 -12.17
CA LYS A 259 18.60 25.51 -11.08
C LYS A 259 17.80 26.80 -11.01
N ASP A 260 17.30 27.26 -12.15
CA ASP A 260 16.56 28.52 -12.22
C ASP A 260 15.20 28.44 -11.52
N LEU A 261 14.76 27.22 -11.21
CA LEU A 261 13.51 27.03 -10.47
C LEU A 261 13.66 27.60 -9.06
N GLY A 262 14.92 27.66 -8.61
CA GLY A 262 15.28 28.30 -7.36
C GLY A 262 14.99 27.49 -6.12
N LEU A 263 14.91 26.18 -6.26
CA LEU A 263 14.61 25.33 -5.10
C LEU A 263 15.87 24.91 -4.32
N LYS A 264 15.66 24.66 -3.03
CA LYS A 264 16.66 24.04 -2.18
C LYS A 264 15.93 23.28 -1.10
N TRP A 265 16.62 22.38 -0.42
CA TRP A 265 16.01 21.70 0.71
C TRP A 265 17.03 21.51 1.81
N TYR A 266 16.58 21.30 3.04
CA TYR A 266 17.51 21.05 4.15
C TYR A 266 17.96 19.59 4.15
N GLY A 267 19.07 19.30 4.80
CA GLY A 267 19.64 17.97 4.75
C GLY A 267 19.19 17.05 5.86
N LEU A 268 18.81 17.61 6.99
CA LEU A 268 18.58 16.81 8.18
C LEU A 268 17.11 16.65 8.48
N PRO A 269 16.59 15.45 8.25
CA PRO A 269 15.19 15.21 8.61
C PRO A 269 15.12 14.89 10.10
N ALA A 270 14.45 15.72 10.88
CA ALA A 270 14.50 15.57 12.33
C ALA A 270 13.12 15.69 12.94
N VAL A 271 12.50 14.55 13.21
CA VAL A 271 11.12 14.53 13.66
C VAL A 271 11.07 14.71 15.16
N SER A 272 10.23 15.64 15.62
CA SER A 272 10.29 16.09 17.00
C SER A 272 8.95 16.17 17.71
N ASN A 273 7.89 15.63 17.11
CA ASN A 273 6.58 15.69 17.76
C ASN A 273 6.09 14.33 18.20
N MET A 274 6.88 13.29 17.96
CA MET A 274 6.46 11.96 18.36
C MET A 274 6.80 11.71 19.82
N LEU A 275 6.22 10.65 20.36
CA LEU A 275 6.37 10.32 21.75
C LEU A 275 7.04 8.95 21.88
N LEU A 276 8.09 8.90 22.69
CA LEU A 276 8.82 7.66 22.96
C LEU A 276 8.27 6.96 24.18
N GLU A 277 7.84 5.72 24.02
CA GLU A 277 7.28 4.99 25.13
C GLU A 277 8.17 3.78 25.43
N ILE A 278 8.69 3.75 26.67
CA ILE A 278 9.59 2.68 27.16
C ILE A 278 9.14 2.23 28.54
N GLY A 279 8.80 0.96 28.67
CA GLY A 279 8.44 0.39 29.96
C GLY A 279 7.39 1.17 30.70
N GLY A 280 6.43 1.71 29.96
CA GLY A 280 5.37 2.51 30.55
C GLY A 280 5.75 3.95 30.83
N LEU A 281 6.96 4.36 30.46
CA LEU A 281 7.35 5.75 30.67
C LEU A 281 7.15 6.51 29.39
N GLU A 282 6.73 7.76 29.49
CA GLU A 282 6.36 8.53 28.31
C GLU A 282 7.24 9.77 28.14
N PHE A 283 8.14 9.72 27.16
CA PHE A 283 8.96 10.84 26.80
C PHE A 283 8.34 11.64 25.68
N SER A 284 7.47 12.57 26.05
CA SER A 284 6.75 13.48 25.15
C SER A 284 7.64 14.34 24.25
N ALA A 285 8.92 14.42 24.58
CA ALA A 285 9.87 15.22 23.81
C ALA A 285 11.14 14.42 23.55
N CYS A 286 11.27 13.92 22.33
CA CYS A 286 12.30 12.96 21.99
C CYS A 286 12.79 13.07 20.55
N PRO A 287 13.24 14.25 20.12
CA PRO A 287 13.59 14.45 18.70
C PRO A 287 14.65 13.48 18.16
N PHE A 288 14.39 12.94 16.96
CA PHE A 288 15.33 12.04 16.31
C PHE A 288 15.47 12.35 14.84
N SER A 289 16.63 12.01 14.32
CA SER A 289 17.04 12.42 13.00
C SER A 289 17.78 11.27 12.33
N GLY A 290 17.77 11.27 11.01
CA GLY A 290 18.57 10.34 10.24
C GLY A 290 18.99 11.11 9.02
N TRP A 291 19.04 10.43 7.88
CA TRP A 291 19.23 11.09 6.61
C TRP A 291 17.97 10.83 5.76
N TYR A 292 17.90 11.41 4.57
CA TYR A 292 16.69 11.33 3.75
C TYR A 292 16.65 10.18 2.75
N MET A 293 15.44 9.76 2.44
CA MET A 293 15.22 9.04 1.22
C MET A 293 14.77 10.10 0.20
N GLY A 294 15.20 9.98 -1.04
CA GLY A 294 14.94 11.00 -2.04
C GLY A 294 13.48 11.29 -2.30
N THR A 295 12.65 10.26 -2.26
CA THR A 295 11.23 10.42 -2.52
C THR A 295 10.55 11.23 -1.42
N GLU A 296 11.23 11.39 -0.29
CA GLU A 296 10.64 12.12 0.81
C GLU A 296 10.63 13.60 0.49
N ILE A 297 11.71 14.06 -0.15
CA ILE A 297 11.76 15.44 -0.62
C ILE A 297 11.18 15.57 -2.04
N GLY A 298 11.57 14.66 -2.92
CA GLY A 298 11.23 14.73 -4.33
C GLY A 298 9.76 14.52 -4.67
N VAL A 299 9.12 13.57 -3.99
CA VAL A 299 7.75 13.21 -4.31
C VAL A 299 6.72 13.85 -3.37
N ARG A 300 7.02 13.82 -2.08
CA ARG A 300 6.08 14.30 -1.07
C ARG A 300 6.20 15.81 -0.81
N ASP A 301 7.42 16.26 -0.51
CA ASP A 301 7.70 17.67 -0.18
C ASP A 301 7.44 18.66 -1.33
N TYR A 302 7.59 18.19 -2.56
CA TYR A 302 7.58 19.07 -3.73
C TYR A 302 6.35 18.91 -4.64
N CYS A 303 5.94 17.66 -4.86
CA CYS A 303 4.95 17.34 -5.89
C CYS A 303 3.53 17.21 -5.38
N ASP A 304 3.37 16.84 -4.11
CA ASP A 304 2.06 16.85 -3.46
C ASP A 304 1.34 18.17 -3.76
N ASN A 305 0.07 18.07 -4.15
CA ASN A 305 -0.76 19.24 -4.43
C ASN A 305 -0.71 20.30 -3.33
N SER A 306 -0.93 19.84 -2.09
CA SER A 306 -0.90 20.70 -0.92
C SER A 306 0.52 20.90 -0.37
N ARG A 307 1.51 20.86 -1.27
CA ARG A 307 2.90 21.20 -0.96
C ARG A 307 3.43 22.21 -2.00
N TYR A 308 4.70 22.09 -2.40
CA TYR A 308 5.30 23.10 -3.25
C TYR A 308 4.77 23.10 -4.68
N ASN A 309 4.25 21.95 -5.12
CA ASN A 309 3.51 21.82 -6.40
C ASN A 309 4.22 22.45 -7.63
N ILE A 310 5.48 22.06 -7.81
CA ILE A 310 6.28 22.51 -8.96
C ILE A 310 6.19 21.49 -10.08
N LEU A 311 5.41 20.44 -9.83
CA LEU A 311 5.07 19.43 -10.83
C LEU A 311 4.71 20.11 -12.14
N GLU A 312 3.75 21.03 -12.03
CA GLU A 312 3.28 21.83 -13.14
C GLU A 312 4.41 22.53 -13.89
N GLU A 313 5.16 23.35 -13.17
CA GLU A 313 6.19 24.21 -13.74
C GLU A 313 7.31 23.42 -14.40
N VAL A 314 7.77 22.36 -13.74
CA VAL A 314 8.76 21.47 -14.34
C VAL A 314 8.28 20.93 -15.69
N ALA A 315 7.04 20.46 -15.73
CA ALA A 315 6.44 19.97 -16.96
C ALA A 315 6.34 21.06 -18.03
N LYS A 316 6.10 22.29 -17.58
CA LYS A 316 6.09 23.45 -18.48
C LYS A 316 7.46 23.67 -19.13
N LYS A 317 8.53 23.49 -18.35
CA LYS A 317 9.90 23.70 -18.84
C LYS A 317 10.44 22.49 -19.61
N MET A 318 9.79 21.33 -19.46
CA MET A 318 10.16 20.15 -20.23
C MET A 318 9.40 20.10 -21.54
N ASN A 319 8.44 21.01 -21.70
CA ASN A 319 7.55 21.08 -22.87
C ASN A 319 6.76 19.79 -23.06
N LEU A 320 6.21 19.29 -21.97
CA LEU A 320 5.36 18.11 -22.00
C LEU A 320 3.95 18.50 -22.41
N ASP A 321 3.24 17.61 -23.09
CA ASP A 321 1.82 17.85 -23.34
C ASP A 321 1.06 17.64 -22.04
N MET A 322 0.47 18.71 -21.52
CA MET A 322 -0.17 18.66 -20.22
C MET A 322 -1.69 18.81 -20.32
N ARG A 323 -2.22 18.51 -21.50
CA ARG A 323 -3.66 18.64 -21.70
C ARG A 323 -4.40 17.31 -21.45
N LYS A 324 -3.77 16.19 -21.76
CA LYS A 324 -4.35 14.88 -21.42
C LYS A 324 -3.45 14.14 -20.44
N THR A 325 -4.04 13.59 -19.40
CA THR A 325 -3.29 12.84 -18.38
C THR A 325 -2.54 11.66 -18.97
N SER A 326 -3.12 11.05 -20.00
CA SER A 326 -2.60 9.81 -20.56
C SER A 326 -1.28 10.00 -21.30
N SER A 327 -0.85 11.26 -21.42
CA SER A 327 0.52 11.54 -21.84
C SER A 327 1.49 11.20 -20.71
N LEU A 328 0.94 11.08 -19.50
CA LEU A 328 1.71 10.81 -18.28
C LEU A 328 2.79 11.88 -18.05
N TRP A 329 2.41 13.13 -18.28
CA TRP A 329 3.35 14.23 -18.12
C TRP A 329 3.77 14.35 -16.66
N LYS A 330 2.82 14.08 -15.77
CA LYS A 330 3.05 14.13 -14.34
C LYS A 330 4.11 13.15 -13.90
N ASP A 331 4.02 11.93 -14.42
CA ASP A 331 4.96 10.88 -14.05
C ASP A 331 6.36 11.22 -14.54
N GLN A 332 6.47 11.60 -15.80
CA GLN A 332 7.74 12.01 -16.39
C GLN A 332 8.40 13.11 -15.56
N ALA A 333 7.59 14.09 -15.18
CA ALA A 333 8.06 15.25 -14.42
C ALA A 333 8.60 14.86 -13.04
N LEU A 334 7.79 14.07 -12.33
CA LEU A 334 8.12 13.53 -11.02
C LEU A 334 9.46 12.79 -10.99
N VAL A 335 9.67 11.94 -12.01
CA VAL A 335 10.92 11.20 -12.11
C VAL A 335 12.11 12.17 -12.21
N GLU A 336 11.96 13.21 -13.03
CA GLU A 336 13.05 14.15 -13.23
C GLU A 336 13.35 14.92 -11.95
N ILE A 337 12.30 15.26 -11.23
CA ILE A 337 12.44 16.02 -10.00
C ILE A 337 13.23 15.19 -8.98
N ASN A 338 12.94 13.89 -8.92
CA ASN A 338 13.59 13.00 -7.98
C ASN A 338 15.03 12.70 -8.37
N ILE A 339 15.31 12.85 -9.65
CA ILE A 339 16.66 12.70 -10.15
C ILE A 339 17.50 13.92 -9.73
N ALA A 340 16.88 15.09 -9.82
CA ALA A 340 17.52 16.33 -9.40
C ALA A 340 17.86 16.31 -7.92
N VAL A 341 16.90 15.90 -7.09
CA VAL A 341 17.09 15.83 -5.65
C VAL A 341 18.27 14.92 -5.28
N LEU A 342 18.27 13.70 -5.81
CA LEU A 342 19.35 12.76 -5.53
C LEU A 342 20.71 13.26 -6.04
N TYR A 343 20.72 13.89 -7.21
CA TYR A 343 21.96 14.42 -7.81
C TYR A 343 22.55 15.59 -7.05
N SER A 344 21.69 16.38 -6.42
CA SER A 344 22.12 17.58 -5.73
C SER A 344 22.74 17.22 -4.39
N PHE A 345 22.05 16.37 -3.65
CA PHE A 345 22.53 15.85 -2.38
C PHE A 345 23.87 15.10 -2.53
N GLN A 346 23.99 14.29 -3.57
CA GLN A 346 25.21 13.53 -3.80
C GLN A 346 26.39 14.43 -4.20
N SER A 347 26.11 15.45 -5.01
CA SER A 347 27.15 16.39 -5.44
C SER A 347 27.72 17.13 -4.25
N ASP A 348 26.85 17.61 -3.36
CA ASP A 348 27.24 18.32 -2.15
C ASP A 348 27.60 17.36 -1.02
N LYS A 349 28.02 16.15 -1.39
CA LYS A 349 28.34 15.05 -0.48
C LYS A 349 27.53 14.98 0.81
N VAL A 350 26.26 15.34 0.72
CA VAL A 350 25.29 15.19 1.81
C VAL A 350 24.62 13.82 1.69
N THR A 351 24.57 13.11 2.81
CA THR A 351 24.04 11.76 2.84
C THR A 351 22.56 11.72 2.41
N ILE A 352 22.21 10.73 1.60
CA ILE A 352 20.84 10.55 1.13
C ILE A 352 20.72 9.16 0.47
N VAL A 353 19.56 8.54 0.57
CA VAL A 353 19.39 7.22 -0.05
C VAL A 353 18.24 7.22 -1.06
N ASP A 354 18.46 6.60 -2.23
CA ASP A 354 17.41 6.46 -3.23
C ASP A 354 16.41 5.37 -2.80
N HIS A 355 15.20 5.40 -3.36
CA HIS A 355 14.17 4.42 -2.98
C HIS A 355 14.49 2.99 -3.42
N HIS A 356 15.32 2.82 -4.45
CA HIS A 356 15.71 1.46 -4.84
C HIS A 356 16.65 0.83 -3.82
N SER A 357 17.71 1.57 -3.49
CA SER A 357 18.72 1.10 -2.53
CA SER A 357 18.72 1.08 -2.54
C SER A 357 18.12 0.81 -1.16
N ALA A 358 17.24 1.71 -0.74
CA ALA A 358 16.66 1.63 0.60
C ALA A 358 15.72 0.46 0.76
N THR A 359 14.91 0.21 -0.25
CA THR A 359 13.91 -0.85 -0.14
C THR A 359 14.65 -2.19 -0.22
N GLU A 360 15.70 -2.23 -1.04
CA GLU A 360 16.61 -3.38 -1.06
C GLU A 360 17.24 -3.62 0.32
N SER A 361 17.72 -2.57 0.96
CA SER A 361 18.31 -2.69 2.30
C SER A 361 17.31 -3.26 3.27
N PHE A 362 16.08 -2.76 3.20
CA PHE A 362 15.07 -3.13 4.18
C PHE A 362 14.64 -4.60 4.03
N ILE A 363 14.60 -5.09 2.81
CA ILE A 363 14.28 -6.49 2.56
C ILE A 363 15.33 -7.37 3.20
N LYS A 364 16.59 -6.98 3.02
CA LYS A 364 17.70 -7.69 3.62
C LYS A 364 17.58 -7.63 5.14
N HIS A 365 17.26 -6.45 5.67
CA HIS A 365 17.00 -6.27 7.10
C HIS A 365 15.84 -7.14 7.60
N MET A 366 14.75 -7.17 6.85
CA MET A 366 13.59 -7.95 7.26
C MET A 366 13.92 -9.45 7.31
N GLU A 367 14.64 -9.94 6.31
CA GLU A 367 15.03 -11.34 6.28
C GLU A 367 15.87 -11.65 7.51
N ASN A 368 16.88 -10.83 7.78
CA ASN A 368 17.70 -11.05 8.96
C ASN A 368 16.92 -11.00 10.28
N GLU A 369 15.96 -10.09 10.37
CA GLU A 369 15.14 -9.98 11.58
C GLU A 369 14.30 -11.22 11.78
N TYR A 370 13.72 -11.73 10.70
CA TYR A 370 12.97 -12.97 10.76
C TYR A 370 13.88 -14.12 11.19
N ARG A 371 15.07 -14.18 10.59
CA ARG A 371 16.04 -15.25 10.89
C ARG A 371 16.39 -15.26 12.38
N CYS A 372 16.79 -14.11 12.92
CA CYS A 372 17.31 -14.10 14.28
C CYS A 372 16.61 -13.14 15.23
N ARG A 373 15.30 -12.99 15.09
CA ARG A 373 14.50 -12.27 16.11
C ARG A 373 13.08 -12.82 16.12
N GLY A 374 12.73 -13.54 15.06
CA GLY A 374 11.46 -14.25 14.99
C GLY A 374 10.41 -13.49 14.19
N GLY A 375 10.79 -12.32 13.69
CA GLY A 375 9.89 -11.53 12.86
C GLY A 375 10.31 -10.08 12.77
N CYS A 376 9.49 -9.29 12.06
CA CYS A 376 9.76 -7.88 11.87
C CYS A 376 8.49 -7.17 11.45
N PRO A 377 7.85 -6.46 12.41
CA PRO A 377 6.61 -5.75 12.08
C PRO A 377 6.85 -4.73 10.96
N ALA A 378 5.97 -4.70 9.97
CA ALA A 378 6.14 -3.74 8.89
C ALA A 378 4.80 -3.30 8.32
N ASP A 379 4.76 -2.04 7.88
CA ASP A 379 3.55 -1.47 7.34
C ASP A 379 3.72 -1.25 5.85
N TRP A 380 3.24 -2.21 5.04
CA TRP A 380 3.40 -2.20 3.58
C TRP A 380 2.96 -0.87 2.99
N VAL A 381 1.81 -0.41 3.46
CA VAL A 381 1.22 0.87 3.07
C VAL A 381 2.20 2.06 3.21
N TRP A 382 3.11 1.99 4.18
CA TRP A 382 4.13 3.03 4.36
C TRP A 382 5.51 2.61 3.85
N ILE A 383 5.80 1.31 3.93
CA ILE A 383 7.10 0.84 3.48
C ILE A 383 7.28 1.00 1.96
N VAL A 384 6.21 0.78 1.19
CA VAL A 384 6.33 0.98 -0.26
C VAL A 384 6.47 2.45 -0.55
N PRO A 385 7.50 2.81 -1.32
CA PRO A 385 7.73 4.20 -1.72
C PRO A 385 6.59 4.75 -2.58
N PRO A 386 6.39 6.09 -2.54
CA PRO A 386 5.32 6.81 -3.23
C PRO A 386 5.49 6.88 -4.73
N MET A 387 6.62 6.39 -5.25
CA MET A 387 6.78 6.30 -6.71
C MET A 387 7.44 4.97 -7.11
N SER A 388 7.05 4.48 -8.28
CA SER A 388 7.55 3.21 -8.86
C SER A 388 7.56 2.05 -7.90
N GLY A 389 6.50 1.89 -7.11
CA GLY A 389 6.45 0.87 -6.08
C GLY A 389 6.74 -0.54 -6.57
N SER A 390 6.04 -0.97 -7.63
CA SER A 390 6.15 -2.35 -8.12
C SER A 390 7.54 -2.76 -8.56
N ILE A 391 8.39 -1.82 -8.97
CA ILE A 391 9.72 -2.23 -9.37
C ILE A 391 10.74 -2.20 -8.23
N THR A 392 10.25 -2.11 -6.98
CA THR A 392 11.10 -2.22 -5.79
C THR A 392 10.75 -3.53 -5.08
N PRO A 393 11.71 -4.07 -4.29
CA PRO A 393 11.52 -5.45 -3.80
C PRO A 393 10.41 -5.58 -2.78
N VAL A 394 9.99 -4.45 -2.20
CA VAL A 394 9.06 -4.49 -1.09
C VAL A 394 7.62 -4.61 -1.55
N PHE A 395 7.35 -4.20 -2.78
CA PHE A 395 6.01 -4.28 -3.34
C PHE A 395 5.50 -5.71 -3.30
N HIS A 396 6.35 -6.66 -3.68
CA HIS A 396 5.91 -8.03 -3.83
C HIS A 396 6.01 -8.81 -2.55
N GLN A 397 6.50 -8.12 -1.52
CA GLN A 397 6.80 -8.73 -0.22
C GLN A 397 5.65 -8.65 0.76
N GLU A 398 5.09 -9.80 1.13
CA GLU A 398 4.09 -9.84 2.19
C GLU A 398 4.67 -9.38 3.53
N MET A 399 3.85 -8.73 4.34
CA MET A 399 4.30 -8.18 5.63
C MET A 399 3.26 -8.34 6.74
N LEU A 400 3.73 -8.67 7.94
CA LEU A 400 2.87 -8.65 9.12
C LEU A 400 3.07 -7.35 9.88
N ASN A 401 1.96 -6.77 10.32
CA ASN A 401 2.01 -5.52 11.01
C ASN A 401 1.45 -5.68 12.40
N TYR A 402 2.23 -5.28 13.39
CA TYR A 402 1.80 -5.35 14.77
C TYR A 402 2.62 -4.38 15.61
N ARG A 403 2.21 -4.18 16.85
CA ARG A 403 2.81 -3.13 17.65
C ARG A 403 3.65 -3.71 18.78
N LEU A 404 4.96 -3.53 18.68
CA LEU A 404 5.88 -3.90 19.77
C LEU A 404 6.28 -2.69 20.60
N THR A 405 6.54 -2.93 21.88
CA THR A 405 7.04 -1.87 22.75
C THR A 405 8.46 -2.24 23.18
N PRO A 406 9.38 -1.26 23.26
CA PRO A 406 9.21 0.19 23.14
C PRO A 406 8.80 0.70 21.77
N SER A 407 8.07 1.79 21.73
CA SER A 407 7.61 2.33 20.47
C SER A 407 7.60 3.84 20.44
N PHE A 408 7.67 4.36 19.21
CA PHE A 408 7.33 5.74 18.92
C PHE A 408 5.84 5.84 18.64
N GLU A 409 5.17 6.78 19.29
CA GLU A 409 3.73 6.96 19.16
C GLU A 409 3.41 8.37 18.68
N TYR A 410 2.17 8.60 18.30
CA TYR A 410 1.73 9.94 17.97
C TYR A 410 1.15 10.58 19.21
N GLN A 411 1.08 11.91 19.21
CA GLN A 411 0.47 12.61 20.33
C GLN A 411 -0.21 13.85 19.81
N PRO A 412 -1.21 14.35 20.55
CA PRO A 412 -1.89 15.57 20.14
C PRO A 412 -0.89 16.72 19.97
N ASP A 413 -1.19 17.63 19.07
CA ASP A 413 -0.42 18.86 18.99
C ASP A 413 -0.54 19.57 20.32
N PRO A 414 0.58 20.07 20.83
CA PRO A 414 0.63 20.69 22.16
C PRO A 414 -0.30 21.90 22.28
N TRP A 415 -0.46 22.70 21.23
CA TRP A 415 -1.31 23.91 21.32
C TRP A 415 -2.77 23.56 21.54
N ASN A 416 -3.14 22.33 21.23
CA ASN A 416 -4.52 21.91 21.35
C ASN A 416 -4.84 21.48 22.75
N THR A 417 -3.79 21.31 23.56
CA THR A 417 -3.94 20.78 24.90
C THR A 417 -3.39 21.71 25.97
N HIS A 418 -2.55 22.66 25.56
CA HIS A 418 -1.79 23.44 26.52
C HIS A 418 -2.62 24.43 27.30
N VAL A 419 -2.49 24.39 28.62
CA VAL A 419 -3.11 25.40 29.48
C VAL A 419 -2.15 26.56 29.65
N TRP A 420 -2.45 27.67 29.00
CA TRP A 420 -1.55 28.83 29.02
C TRP A 420 -1.46 29.48 30.38
N LYS A 421 -0.24 29.91 30.74
CA LYS A 421 0.03 30.50 32.03
C LYS A 421 -0.24 32.01 32.01
N ARG B 3 -20.38 0.00 15.38
CA ARG B 3 -20.37 1.46 15.43
C ARG B 3 -19.78 2.05 14.15
N PHE B 4 -20.08 3.32 13.87
CA PHE B 4 -19.77 3.94 12.59
C PHE B 4 -18.29 4.33 12.50
N LEU B 5 -17.74 4.39 11.29
CA LEU B 5 -16.32 4.61 11.09
C LEU B 5 -16.03 5.66 10.03
N LYS B 6 -15.02 6.50 10.25
CA LYS B 6 -14.68 7.57 9.32
C LYS B 6 -13.50 7.22 8.44
N VAL B 7 -13.50 7.74 7.22
CA VAL B 7 -12.33 7.66 6.36
C VAL B 7 -12.01 9.06 5.83
N LYS B 8 -10.77 9.49 6.03
CA LYS B 8 -10.38 10.81 5.62
C LYS B 8 -9.60 10.72 4.31
N ASN B 9 -9.89 11.61 3.38
CA ASN B 9 -8.93 11.91 2.31
C ASN B 9 -8.07 13.05 2.85
N TRP B 10 -6.75 12.87 2.90
CA TRP B 10 -5.88 13.82 3.58
C TRP B 10 -5.50 15.00 2.69
N GLU B 11 -5.59 14.78 1.39
CA GLU B 11 -5.25 15.79 0.40
C GLU B 11 -6.43 16.75 0.17
N THR B 12 -7.65 16.33 0.51
CA THR B 12 -8.83 17.18 0.34
C THR B 12 -9.60 17.31 1.63
N GLU B 13 -9.14 16.61 2.67
CA GLU B 13 -9.72 16.68 4.02
C GLU B 13 -11.18 16.22 4.07
N VAL B 14 -11.67 15.67 2.97
CA VAL B 14 -13.02 15.13 2.94
C VAL B 14 -13.14 13.90 3.83
N VAL B 15 -14.20 13.85 4.65
CA VAL B 15 -14.44 12.73 5.53
C VAL B 15 -15.74 11.99 5.16
N LEU B 16 -15.67 10.67 5.02
CA LEU B 16 -16.84 9.83 4.77
C LEU B 16 -17.12 8.96 5.99
N THR B 17 -18.39 8.65 6.23
CA THR B 17 -18.75 7.77 7.34
C THR B 17 -19.21 6.41 6.82
N ASP B 18 -18.60 5.35 7.34
CA ASP B 18 -18.90 4.02 6.90
C ASP B 18 -19.84 3.37 7.87
N THR B 19 -20.95 2.84 7.34
CA THR B 19 -21.92 2.09 8.11
C THR B 19 -22.06 0.70 7.52
N LEU B 20 -21.62 0.57 6.26
CA LEU B 20 -21.80 -0.64 5.48
C LEU B 20 -21.02 -1.82 6.06
N HIS B 21 -19.89 -1.52 6.70
CA HIS B 21 -19.01 -2.57 7.21
C HIS B 21 -19.71 -3.40 8.28
N LEU B 22 -20.71 -2.82 8.94
CA LEU B 22 -21.47 -3.52 9.97
C LEU B 22 -22.29 -4.67 9.41
N LYS B 23 -22.49 -4.67 8.09
CA LYS B 23 -23.35 -5.66 7.47
C LYS B 23 -22.60 -6.93 7.08
N SER B 24 -21.27 -6.91 7.09
CA SER B 24 -20.52 -8.08 6.62
C SER B 24 -20.41 -9.15 7.70
N THR B 25 -20.04 -10.37 7.31
CA THR B 25 -19.88 -11.47 8.26
C THR B 25 -18.76 -12.41 7.84
N LEU B 26 -18.19 -12.14 6.67
CA LEU B 26 -16.99 -12.83 6.23
C LEU B 26 -15.76 -12.18 6.88
N GLU B 27 -14.80 -12.99 7.30
CA GLU B 27 -13.61 -12.49 7.99
C GLU B 27 -12.54 -11.96 7.04
N THR B 28 -11.62 -11.15 7.56
CA THR B 28 -10.63 -10.47 6.72
C THR B 28 -9.22 -11.06 6.86
N GLY B 29 -8.98 -11.80 7.93
CA GLY B 29 -7.66 -12.37 8.14
C GLY B 29 -6.86 -11.60 9.18
N CYS B 30 -7.33 -10.39 9.49
CA CYS B 30 -6.70 -9.61 10.55
C CYS B 30 -7.26 -10.00 11.91
N THR B 31 -6.46 -9.74 12.93
CA THR B 31 -6.94 -9.82 14.31
C THR B 31 -6.78 -8.44 14.92
N GLU B 32 -7.12 -8.31 16.19
CA GLU B 32 -6.94 -7.05 16.89
C GLU B 32 -5.46 -6.71 16.99
N TYR B 33 -4.62 -7.74 16.96
CA TYR B 33 -3.20 -7.60 17.26
C TYR B 33 -2.29 -7.70 16.07
N ILE B 34 -2.81 -8.13 14.92
CA ILE B 34 -2.00 -8.28 13.73
C ILE B 34 -2.77 -7.77 12.52
N CYS B 35 -2.11 -7.01 11.66
CA CYS B 35 -2.73 -6.64 10.38
C CYS B 35 -2.06 -7.42 9.25
N MET B 36 -2.90 -8.07 8.44
CA MET B 36 -2.42 -8.89 7.35
C MET B 36 -2.89 -8.33 6.02
N GLY B 37 -2.99 -7.01 5.96
CA GLY B 37 -3.54 -6.33 4.79
C GLY B 37 -2.66 -6.39 3.57
N SER B 38 -1.45 -6.89 3.73
CA SER B 38 -0.53 -7.03 2.59
C SER B 38 -0.38 -8.50 2.21
N ILE B 39 -1.07 -9.38 2.93
CA ILE B 39 -1.10 -10.80 2.57
C ILE B 39 -2.04 -11.02 1.37
N MET B 40 -1.59 -11.72 0.34
CA MET B 40 -2.43 -11.87 -0.85
C MET B 40 -3.65 -12.79 -0.63
N HIS B 41 -3.46 -13.91 0.07
CA HIS B 41 -4.59 -14.80 0.40
C HIS B 41 -4.63 -15.24 1.86
N PRO B 42 -5.23 -14.42 2.73
CA PRO B 42 -5.26 -14.75 4.17
C PRO B 42 -6.23 -15.87 4.52
N ALA B 53 -20.44 -27.34 1.13
CA ALA B 53 -21.49 -26.92 2.05
C ALA B 53 -22.68 -27.87 1.97
N THR B 54 -23.41 -27.99 3.07
CA THR B 54 -24.57 -28.87 3.15
C THR B 54 -25.87 -28.07 3.23
N LYS B 55 -27.00 -28.76 3.38
CA LYS B 55 -28.29 -28.11 3.61
C LYS B 55 -28.22 -27.12 4.76
N ASP B 56 -27.58 -27.60 5.83
CA ASP B 56 -27.54 -26.93 7.13
C ASP B 56 -26.97 -25.52 7.05
N GLN B 57 -25.93 -25.35 6.25
CA GLN B 57 -25.29 -24.05 6.09
C GLN B 57 -26.00 -23.22 5.03
N LEU B 58 -26.58 -23.90 4.04
CA LEU B 58 -26.99 -23.26 2.79
C LEU B 58 -28.23 -22.37 2.87
N PHE B 59 -29.22 -22.73 3.68
CA PHE B 59 -30.44 -21.92 3.75
C PHE B 59 -30.21 -20.51 4.31
N PRO B 60 -29.57 -20.37 5.49
CA PRO B 60 -29.38 -18.99 5.98
C PRO B 60 -28.57 -18.13 5.01
N LEU B 61 -27.62 -18.75 4.29
CA LEU B 61 -26.85 -18.04 3.28
C LEU B 61 -27.73 -17.57 2.14
N ALA B 62 -28.63 -18.45 1.70
CA ALA B 62 -29.58 -18.13 0.65
C ALA B 62 -30.56 -17.08 1.15
N LYS B 63 -31.07 -17.30 2.35
CA LYS B 63 -31.99 -16.36 2.99
C LYS B 63 -31.38 -14.96 3.05
N GLU B 64 -30.08 -14.89 3.31
CA GLU B 64 -29.39 -13.61 3.39
C GLU B 64 -29.38 -12.91 2.04
N PHE B 65 -29.02 -13.66 1.00
CA PHE B 65 -28.97 -13.14 -0.34
C PHE B 65 -30.35 -12.76 -0.89
N ILE B 66 -31.33 -13.63 -0.68
CA ILE B 66 -32.70 -13.36 -1.14
C ILE B 66 -33.23 -12.08 -0.49
N ASP B 67 -32.92 -11.90 0.79
CA ASP B 67 -33.37 -10.73 1.53
C ASP B 67 -32.76 -9.44 0.98
N GLN B 68 -31.46 -9.44 0.70
CA GLN B 68 -30.85 -8.23 0.19
C GLN B 68 -31.19 -8.04 -1.28
N TYR B 69 -31.74 -9.07 -1.91
CA TYR B 69 -32.23 -8.92 -3.28
C TYR B 69 -33.58 -8.20 -3.29
N TYR B 70 -34.50 -8.68 -2.46
CA TYR B 70 -35.81 -8.06 -2.37
C TYR B 70 -35.74 -6.72 -1.66
N SER B 71 -34.67 -6.50 -0.89
CA SER B 71 -34.44 -5.18 -0.32
C SER B 71 -33.88 -4.27 -1.40
N SER B 72 -33.08 -4.82 -2.30
CA SER B 72 -32.52 -4.03 -3.38
C SER B 72 -33.61 -3.44 -4.27
N ILE B 73 -34.54 -4.28 -4.73
CA ILE B 73 -35.62 -3.79 -5.59
C ILE B 73 -36.83 -3.33 -4.78
N LYS B 74 -36.59 -2.95 -3.53
CA LYS B 74 -37.61 -2.34 -2.67
C LYS B 74 -38.92 -3.12 -2.60
N ARG B 75 -38.83 -4.43 -2.35
CA ARG B 75 -40.01 -5.25 -2.14
C ARG B 75 -39.75 -6.27 -1.03
N PHE B 76 -39.07 -5.82 0.01
CA PHE B 76 -38.76 -6.64 1.18
C PHE B 76 -40.04 -6.98 1.96
N GLY B 77 -40.37 -8.26 1.99
CA GLY B 77 -41.55 -8.73 2.68
C GLY B 77 -42.75 -8.83 1.77
N SER B 78 -42.54 -8.61 0.48
CA SER B 78 -43.64 -8.69 -0.48
C SER B 78 -44.19 -10.10 -0.54
N LYS B 79 -45.30 -10.27 -1.26
CA LYS B 79 -45.83 -11.61 -1.52
C LYS B 79 -44.74 -12.44 -2.17
N ALA B 80 -44.08 -11.87 -3.18
CA ALA B 80 -43.03 -12.57 -3.91
C ALA B 80 -41.89 -12.98 -2.98
N HIS B 81 -41.46 -12.05 -2.12
CA HIS B 81 -40.38 -12.31 -1.18
C HIS B 81 -40.69 -13.50 -0.28
N MET B 82 -41.86 -13.44 0.36
CA MET B 82 -42.31 -14.52 1.23
C MET B 82 -42.27 -15.83 0.45
N GLU B 83 -42.93 -15.84 -0.71
CA GLU B 83 -43.01 -17.04 -1.54
C GLU B 83 -41.63 -17.51 -1.98
N ARG B 84 -40.79 -16.57 -2.41
CA ARG B 84 -39.49 -16.94 -2.93
C ARG B 84 -38.66 -17.62 -1.86
N LEU B 85 -38.78 -17.13 -0.62
CA LEU B 85 -38.16 -17.78 0.52
C LEU B 85 -38.65 -19.22 0.65
N GLU B 86 -39.98 -19.40 0.60
CA GLU B 86 -40.60 -20.71 0.66
C GLU B 86 -40.12 -21.65 -0.45
N GLU B 87 -40.12 -21.15 -1.68
CA GLU B 87 -39.64 -21.89 -2.84
C GLU B 87 -38.20 -22.38 -2.66
N VAL B 88 -37.34 -21.53 -2.08
CA VAL B 88 -35.93 -21.88 -1.90
C VAL B 88 -35.73 -22.90 -0.76
N ASN B 89 -36.47 -22.72 0.33
CA ASN B 89 -36.43 -23.66 1.44
C ASN B 89 -36.86 -25.07 1.02
N LYS B 90 -37.98 -25.16 0.31
CA LYS B 90 -38.48 -26.43 -0.19
C LYS B 90 -37.50 -27.11 -1.14
N GLU B 91 -36.70 -26.31 -1.83
CA GLU B 91 -35.78 -26.85 -2.83
C GLU B 91 -34.49 -27.35 -2.19
N ILE B 92 -34.05 -26.69 -1.13
CA ILE B 92 -32.87 -27.12 -0.39
C ILE B 92 -33.17 -28.41 0.36
N ASP B 93 -34.40 -28.56 0.84
CA ASP B 93 -34.86 -29.82 1.42
C ASP B 93 -34.66 -30.98 0.45
N THR B 94 -35.43 -30.96 -0.62
CA THR B 94 -35.60 -32.13 -1.48
C THR B 94 -34.48 -32.33 -2.50
N THR B 95 -33.50 -31.43 -2.55
CA THR B 95 -32.38 -31.57 -3.49
C THR B 95 -31.03 -31.20 -2.89
N SER B 96 -31.02 -30.80 -1.62
CA SER B 96 -29.81 -30.37 -0.91
C SER B 96 -29.12 -29.18 -1.59
N THR B 97 -29.89 -28.38 -2.32
CA THR B 97 -29.37 -27.21 -3.03
C THR B 97 -30.51 -26.39 -3.65
N TYR B 98 -30.15 -25.41 -4.47
CA TYR B 98 -31.15 -24.68 -5.24
C TYR B 98 -30.54 -23.97 -6.42
N GLN B 99 -31.42 -23.39 -7.23
CA GLN B 99 -31.04 -22.72 -8.46
C GLN B 99 -31.49 -21.28 -8.39
N LEU B 100 -30.63 -20.39 -8.84
CA LEU B 100 -30.95 -18.97 -8.87
C LEU B 100 -31.79 -18.61 -10.07
N LYS B 101 -32.81 -17.77 -9.85
CA LYS B 101 -33.54 -17.17 -10.95
C LYS B 101 -32.58 -16.38 -11.83
N ASP B 102 -33.03 -15.99 -13.01
CA ASP B 102 -32.21 -15.18 -13.89
C ASP B 102 -31.88 -13.83 -13.24
N THR B 103 -32.93 -13.17 -12.74
CA THR B 103 -32.82 -11.85 -12.11
C THR B 103 -31.83 -11.83 -10.95
N GLU B 104 -31.98 -12.78 -10.04
CA GLU B 104 -31.06 -12.95 -8.93
C GLU B 104 -29.63 -13.15 -9.42
N LEU B 105 -29.46 -13.97 -10.46
CA LEU B 105 -28.13 -14.26 -10.98
C LEU B 105 -27.43 -12.99 -11.44
N ILE B 106 -28.16 -12.15 -12.18
CA ILE B 106 -27.59 -10.93 -12.74
C ILE B 106 -27.34 -9.91 -11.63
N TYR B 107 -28.25 -9.85 -10.66
CA TYR B 107 -28.08 -8.99 -9.50
C TYR B 107 -26.84 -9.42 -8.73
N GLY B 108 -26.73 -10.74 -8.50
CA GLY B 108 -25.63 -11.30 -7.74
C GLY B 108 -24.28 -11.09 -8.39
N ALA B 109 -24.24 -11.19 -9.71
CA ALA B 109 -22.97 -11.03 -10.43
C ALA B 109 -22.51 -9.58 -10.44
N LYS B 110 -23.45 -8.66 -10.62
CA LYS B 110 -23.11 -7.25 -10.55
C LYS B 110 -22.63 -6.89 -9.14
N HIS B 111 -23.22 -7.52 -8.13
CA HIS B 111 -22.87 -7.12 -6.77
C HIS B 111 -21.57 -7.76 -6.29
N ALA B 112 -21.14 -8.84 -6.92
CA ALA B 112 -19.84 -9.42 -6.59
C ALA B 112 -18.73 -8.53 -7.14
N TRP B 113 -18.99 -7.89 -8.28
CA TRP B 113 -18.06 -6.91 -8.83
C TRP B 113 -18.09 -5.67 -7.95
N ARG B 114 -19.28 -5.27 -7.53
CA ARG B 114 -19.44 -4.09 -6.69
C ARG B 114 -18.67 -4.26 -5.38
N ASN B 115 -18.66 -5.47 -4.85
CA ASN B 115 -18.03 -5.75 -3.57
C ASN B 115 -16.55 -6.12 -3.66
N ALA B 116 -15.96 -5.98 -4.84
CA ALA B 116 -14.58 -6.39 -5.07
C ALA B 116 -13.57 -5.35 -4.53
N SER B 117 -13.14 -5.54 -3.28
CA SER B 117 -12.30 -4.55 -2.60
CA SER B 117 -12.29 -4.56 -2.60
C SER B 117 -11.08 -4.14 -3.42
N ARG B 118 -10.50 -5.07 -4.16
CA ARG B 118 -9.24 -4.79 -4.86
C ARG B 118 -9.40 -4.20 -6.25
N CYS B 119 -10.66 -4.07 -6.71
CA CYS B 119 -10.94 -3.57 -8.06
C CYS B 119 -11.12 -2.05 -8.09
N VAL B 120 -10.18 -1.36 -8.73
CA VAL B 120 -10.26 0.08 -8.92
C VAL B 120 -11.27 0.51 -10.00
N GLY B 121 -11.74 -0.46 -10.79
CA GLY B 121 -12.59 -0.15 -11.93
C GLY B 121 -14.09 -0.27 -11.68
N ARG B 122 -14.48 -0.33 -10.42
CA ARG B 122 -15.85 -0.60 -10.02
C ARG B 122 -16.86 0.49 -10.25
N ILE B 123 -16.46 1.61 -10.82
CA ILE B 123 -17.44 2.67 -11.02
C ILE B 123 -18.44 2.15 -12.04
N GLN B 124 -18.00 1.13 -12.78
CA GLN B 124 -18.72 0.54 -13.90
C GLN B 124 -19.60 -0.66 -13.54
N TRP B 125 -19.82 -0.90 -12.24
CA TRP B 125 -20.33 -2.18 -11.78
C TRP B 125 -21.75 -2.54 -12.26
N SER B 126 -22.63 -1.55 -12.47
CA SER B 126 -23.99 -1.86 -12.88
C SER B 126 -24.09 -2.08 -14.39
N LYS B 127 -23.07 -1.63 -15.12
CA LYS B 127 -22.90 -1.99 -16.53
C LYS B 127 -22.12 -3.29 -16.66
N LEU B 128 -22.82 -4.42 -16.55
CA LEU B 128 -22.19 -5.72 -16.70
C LEU B 128 -23.09 -6.63 -17.53
N GLN B 129 -22.61 -7.08 -18.67
CA GLN B 129 -23.41 -8.03 -19.45
C GLN B 129 -23.24 -9.41 -18.84
N VAL B 130 -24.34 -10.02 -18.42
CA VAL B 130 -24.31 -11.32 -17.77
C VAL B 130 -24.81 -12.44 -18.69
N PHE B 131 -23.92 -13.36 -18.99
CA PHE B 131 -24.24 -14.50 -19.84
C PHE B 131 -24.51 -15.75 -18.99
N ASP B 132 -25.74 -16.25 -19.07
CA ASP B 132 -26.14 -17.46 -18.34
C ASP B 132 -25.75 -18.71 -19.11
N ALA B 133 -24.83 -19.48 -18.55
CA ALA B 133 -24.36 -20.67 -19.22
C ALA B 133 -24.54 -21.87 -18.33
N ARG B 134 -25.57 -21.83 -17.49
CA ARG B 134 -25.77 -22.86 -16.49
C ARG B 134 -26.39 -24.15 -17.06
N ASP B 135 -26.78 -24.11 -18.33
CA ASP B 135 -27.32 -25.30 -19.00
C ASP B 135 -26.21 -26.12 -19.64
N CYS B 136 -25.03 -25.51 -19.78
CA CYS B 136 -23.86 -26.20 -20.33
C CYS B 136 -23.63 -27.58 -19.68
N THR B 137 -23.10 -28.53 -20.46
CA THR B 137 -22.79 -29.87 -19.92
C THR B 137 -21.44 -30.44 -20.40
N THR B 138 -20.86 -29.82 -21.43
CA THR B 138 -19.61 -30.31 -21.99
C THR B 138 -18.59 -29.19 -22.20
N ALA B 139 -17.35 -29.60 -22.45
CA ALA B 139 -16.27 -28.69 -22.82
C ALA B 139 -16.55 -27.95 -24.13
N HIS B 140 -17.12 -28.67 -25.10
CA HIS B 140 -17.46 -28.09 -26.40
C HIS B 140 -18.47 -26.96 -26.24
N GLY B 141 -19.45 -27.16 -25.36
CA GLY B 141 -20.42 -26.12 -25.07
C GLY B 141 -19.75 -24.91 -24.44
N MET B 142 -18.97 -25.18 -23.38
CA MET B 142 -18.12 -24.18 -22.75
C MET B 142 -17.35 -23.38 -23.78
N PHE B 143 -16.74 -24.08 -24.74
CA PHE B 143 -15.99 -23.38 -25.76
C PHE B 143 -16.89 -22.42 -26.53
N ASN B 144 -18.11 -22.86 -26.80
CA ASN B 144 -19.01 -22.05 -27.59
C ASN B 144 -19.38 -20.79 -26.81
N TYR B 145 -19.72 -20.97 -25.54
CA TYR B 145 -20.05 -19.84 -24.67
C TYR B 145 -18.88 -18.88 -24.51
N ILE B 146 -17.67 -19.42 -24.41
CA ILE B 146 -16.49 -18.58 -24.25
C ILE B 146 -16.21 -17.75 -25.51
N CYS B 147 -16.26 -18.35 -26.69
CA CYS B 147 -16.06 -17.60 -27.93
C CYS B 147 -17.06 -16.45 -28.08
N ASN B 148 -18.31 -16.73 -27.72
CA ASN B 148 -19.37 -15.75 -27.72
C ASN B 148 -19.09 -14.60 -26.76
N HIS B 149 -18.52 -14.94 -25.61
CA HIS B 149 -18.16 -13.96 -24.60
C HIS B 149 -17.11 -13.03 -25.17
N VAL B 150 -16.07 -13.63 -25.73
CA VAL B 150 -14.95 -12.87 -26.28
C VAL B 150 -15.37 -11.94 -27.42
N LYS B 151 -16.22 -12.45 -28.31
CA LYS B 151 -16.75 -11.68 -29.44
C LYS B 151 -17.56 -10.48 -28.94
N TYR B 152 -18.47 -10.71 -28.00
CA TYR B 152 -19.25 -9.63 -27.41
C TYR B 152 -18.36 -8.60 -26.66
N ALA B 153 -17.53 -9.09 -25.74
CA ALA B 153 -16.72 -8.20 -24.92
C ALA B 153 -15.75 -7.36 -25.77
N THR B 154 -15.11 -7.98 -26.76
CA THR B 154 -14.14 -7.26 -27.58
C THR B 154 -14.80 -6.19 -28.45
N ASN B 155 -15.95 -6.52 -29.03
CA ASN B 155 -16.81 -5.54 -29.72
C ASN B 155 -16.03 -4.63 -30.68
N LYS B 156 -15.09 -5.24 -31.40
CA LYS B 156 -14.17 -4.52 -32.31
C LYS B 156 -13.33 -3.42 -31.66
N GLY B 157 -13.07 -3.54 -30.35
CA GLY B 157 -12.18 -2.61 -29.70
C GLY B 157 -12.89 -1.61 -28.81
N ASN B 158 -14.21 -1.52 -28.94
CA ASN B 158 -14.97 -0.78 -27.96
C ASN B 158 -15.41 -1.76 -26.89
N LEU B 159 -14.49 -2.09 -26.00
CA LEU B 159 -14.68 -3.18 -25.06
C LEU B 159 -15.88 -2.99 -24.14
N ARG B 160 -16.51 -4.10 -23.78
CA ARG B 160 -17.69 -4.09 -22.91
C ARG B 160 -17.51 -5.14 -21.84
N SER B 161 -18.01 -4.85 -20.64
CA SER B 161 -17.87 -5.76 -19.52
C SER B 161 -18.84 -6.93 -19.55
N ALA B 162 -18.30 -8.13 -19.38
CA ALA B 162 -19.14 -9.31 -19.40
C ALA B 162 -18.68 -10.38 -18.46
N ILE B 163 -19.60 -11.23 -18.08
CA ILE B 163 -19.28 -12.40 -17.31
C ILE B 163 -20.13 -13.55 -17.89
N THR B 164 -19.54 -14.74 -17.93
CA THR B 164 -20.23 -15.94 -18.34
C THR B 164 -20.26 -16.93 -17.19
N ILE B 165 -21.45 -17.31 -16.74
CA ILE B 165 -21.57 -18.14 -15.56
C ILE B 165 -22.01 -19.56 -15.90
N PHE B 166 -21.10 -20.50 -15.67
CA PHE B 166 -21.30 -21.92 -15.93
C PHE B 166 -21.97 -22.57 -14.71
N PRO B 167 -22.40 -23.86 -14.80
CA PRO B 167 -23.20 -24.41 -13.69
C PRO B 167 -22.49 -24.37 -12.33
N GLN B 168 -23.26 -24.32 -11.25
CA GLN B 168 -22.69 -24.22 -9.92
C GLN B 168 -22.12 -25.55 -9.48
N ARG B 169 -21.12 -25.49 -8.63
CA ARG B 169 -20.57 -26.69 -8.01
C ARG B 169 -21.67 -27.51 -7.35
N THR B 170 -21.59 -28.83 -7.48
CA THR B 170 -22.55 -29.71 -6.80
C THR B 170 -21.89 -30.51 -5.69
N ASP B 171 -21.33 -31.67 -6.04
CA ASP B 171 -20.68 -32.50 -5.04
C ASP B 171 -19.19 -32.19 -4.92
N GLY B 172 -18.63 -31.52 -5.92
CA GLY B 172 -17.22 -31.14 -5.86
C GLY B 172 -16.38 -31.95 -6.83
N LYS B 173 -16.88 -33.13 -7.17
CA LYS B 173 -16.19 -33.98 -8.12
C LYS B 173 -16.72 -33.69 -9.51
N HIS B 174 -17.65 -32.75 -9.61
CA HIS B 174 -18.24 -32.39 -10.89
C HIS B 174 -18.08 -30.91 -11.24
N ASP B 175 -17.02 -30.28 -10.77
CA ASP B 175 -16.83 -28.85 -11.04
C ASP B 175 -16.61 -28.53 -12.52
N PHE B 176 -17.10 -27.37 -12.92
CA PHE B 176 -16.70 -26.78 -14.19
C PHE B 176 -15.48 -25.87 -13.90
N ARG B 177 -14.47 -25.93 -14.76
CA ARG B 177 -13.25 -25.15 -14.57
C ARG B 177 -12.65 -24.69 -15.89
N VAL B 178 -12.34 -23.41 -15.98
CA VAL B 178 -11.48 -22.91 -17.04
C VAL B 178 -10.03 -22.91 -16.50
N TRP B 179 -9.19 -23.80 -17.01
CA TRP B 179 -7.87 -24.00 -16.42
C TRP B 179 -6.95 -22.82 -16.69
N ASN B 180 -7.17 -22.10 -17.78
CA ASN B 180 -6.40 -20.88 -18.04
C ASN B 180 -6.65 -19.84 -16.95
N SER B 181 -5.64 -19.05 -16.63
CA SER B 181 -5.82 -18.01 -15.64
C SER B 181 -6.59 -16.84 -16.29
N GLN B 182 -6.26 -16.53 -17.54
CA GLN B 182 -7.09 -15.64 -18.35
C GLN B 182 -7.43 -16.30 -19.68
N LEU B 183 -8.58 -15.93 -20.26
CA LEU B 183 -9.02 -16.49 -21.54
C LEU B 183 -7.96 -16.30 -22.62
N ILE B 184 -7.40 -15.10 -22.66
CA ILE B 184 -6.32 -14.79 -23.58
C ILE B 184 -5.03 -14.49 -22.82
N ARG B 185 -4.05 -15.40 -22.95
CA ARG B 185 -2.71 -15.22 -22.41
C ARG B 185 -1.66 -15.68 -23.41
N TYR B 186 -0.40 -15.33 -23.16
CA TYR B 186 0.69 -15.75 -24.03
C TYR B 186 1.46 -16.88 -23.39
N ALA B 187 1.92 -17.82 -24.22
CA ALA B 187 2.70 -18.95 -23.74
C ALA B 187 4.10 -18.52 -23.24
N GLY B 188 4.58 -19.19 -22.21
CA GLY B 188 5.95 -19.01 -21.74
C GLY B 188 6.69 -20.34 -21.72
N TYR B 189 7.92 -20.34 -22.24
CA TYR B 189 8.70 -21.57 -22.34
C TYR B 189 10.01 -21.50 -21.55
N LYS B 190 10.34 -22.58 -20.86
CA LYS B 190 11.63 -22.72 -20.20
C LYS B 190 12.71 -23.05 -21.24
N GLN B 191 13.68 -22.16 -21.37
CA GLN B 191 14.74 -22.36 -22.36
C GLN B 191 15.75 -23.41 -21.90
N PRO B 192 16.52 -23.98 -22.85
CA PRO B 192 17.50 -24.99 -22.44
C PRO B 192 18.58 -24.41 -21.52
N ASP B 193 19.02 -23.18 -21.81
CA ASP B 193 20.10 -22.56 -21.03
C ASP B 193 19.62 -22.14 -19.65
N GLY B 194 18.44 -21.55 -19.57
CA GLY B 194 17.91 -21.12 -18.29
C GLY B 194 16.89 -19.99 -18.36
N SER B 195 17.01 -19.13 -19.37
CA SER B 195 16.09 -17.99 -19.52
C SER B 195 14.70 -18.44 -19.97
N THR B 196 13.88 -17.50 -20.44
CA THR B 196 12.50 -17.82 -20.77
C THR B 196 11.95 -17.08 -21.99
N LEU B 197 11.56 -17.86 -22.99
CA LEU B 197 10.91 -17.33 -24.19
C LEU B 197 9.43 -17.11 -23.95
N GLY B 198 9.00 -15.85 -24.03
CA GLY B 198 7.61 -15.53 -23.84
C GLY B 198 7.29 -15.17 -22.41
N ASP B 199 6.01 -15.29 -22.04
CA ASP B 199 5.54 -14.85 -20.74
C ASP B 199 5.83 -15.86 -19.61
N PRO B 200 6.75 -15.50 -18.70
CA PRO B 200 7.18 -16.40 -17.63
C PRO B 200 6.06 -16.77 -16.65
N ALA B 201 5.07 -15.89 -16.46
CA ALA B 201 4.01 -16.14 -15.48
C ALA B 201 3.27 -17.45 -15.76
N ASN B 202 3.29 -17.86 -17.03
CA ASN B 202 2.46 -18.97 -17.47
C ASN B 202 3.23 -20.25 -17.81
N VAL B 203 4.52 -20.27 -17.51
CA VAL B 203 5.39 -21.36 -17.96
C VAL B 203 4.86 -22.73 -17.51
N GLN B 204 4.28 -22.79 -16.31
CA GLN B 204 3.74 -24.07 -15.86
C GLN B 204 2.56 -24.46 -16.74
N PHE B 205 1.62 -23.54 -16.91
CA PHE B 205 0.40 -23.79 -17.69
C PHE B 205 0.71 -24.15 -19.14
N THR B 206 1.74 -23.54 -19.70
CA THR B 206 2.14 -23.84 -21.07
C THR B 206 2.57 -25.31 -21.18
N GLU B 207 3.28 -25.81 -20.17
CA GLU B 207 3.71 -27.20 -20.18
C GLU B 207 2.55 -28.16 -20.04
N ILE B 208 1.49 -27.72 -19.37
CA ILE B 208 0.32 -28.55 -19.20
C ILE B 208 -0.40 -28.71 -20.55
N CYS B 209 -0.35 -27.68 -21.38
CA CYS B 209 -0.96 -27.73 -22.71
C CYS B 209 -0.11 -28.56 -23.65
N ILE B 210 1.20 -28.42 -23.53
CA ILE B 210 2.15 -29.16 -24.36
C ILE B 210 2.01 -30.64 -24.06
N GLN B 211 1.76 -30.95 -22.78
CA GLN B 211 1.48 -32.31 -22.35
C GLN B 211 0.23 -32.85 -23.02
N GLN B 212 -0.76 -31.98 -23.24
CA GLN B 212 -2.01 -32.40 -23.85
C GLN B 212 -1.94 -32.43 -25.36
N GLY B 213 -0.74 -32.27 -25.89
CA GLY B 213 -0.56 -32.41 -27.32
C GLY B 213 -0.69 -31.10 -28.05
N TRP B 214 -0.81 -30.00 -27.31
CA TRP B 214 -0.74 -28.70 -27.93
C TRP B 214 0.58 -28.59 -28.63
N LYS B 215 0.54 -28.16 -29.89
CA LYS B 215 1.75 -27.96 -30.63
C LYS B 215 2.17 -26.51 -30.46
N PRO B 216 3.22 -26.28 -29.67
CA PRO B 216 3.67 -24.92 -29.38
C PRO B 216 4.40 -24.33 -30.55
N PRO B 217 3.94 -23.16 -31.04
CA PRO B 217 4.70 -22.40 -32.05
C PRO B 217 6.06 -21.96 -31.53
N ARG B 218 6.24 -22.06 -30.21
CA ARG B 218 7.45 -21.67 -29.50
C ARG B 218 7.95 -20.34 -30.00
N GLY B 219 7.13 -19.32 -29.79
CA GLY B 219 7.45 -17.96 -30.12
C GLY B 219 7.21 -17.08 -28.93
N ARG B 220 7.42 -15.78 -29.11
CA ARG B 220 7.37 -14.85 -27.99
C ARG B 220 5.93 -14.56 -27.55
N PHE B 221 5.05 -14.32 -28.51
CA PHE B 221 3.66 -13.99 -28.21
C PHE B 221 2.69 -14.99 -28.84
N ASP B 222 2.78 -16.26 -28.42
CA ASP B 222 1.86 -17.29 -28.88
C ASP B 222 0.60 -17.30 -28.03
N VAL B 223 -0.57 -17.27 -28.66
CA VAL B 223 -1.80 -17.29 -27.88
C VAL B 223 -2.11 -18.71 -27.42
N LEU B 224 -2.24 -18.87 -26.11
CA LEU B 224 -2.45 -20.17 -25.50
C LEU B 224 -3.82 -20.70 -25.84
N PRO B 225 -3.92 -22.03 -25.99
CA PRO B 225 -5.22 -22.66 -26.28
C PRO B 225 -6.08 -22.66 -25.03
N LEU B 226 -7.39 -22.85 -25.16
CA LEU B 226 -8.24 -22.97 -23.98
C LEU B 226 -8.19 -24.40 -23.44
N LEU B 227 -8.22 -24.53 -22.12
CA LEU B 227 -8.25 -25.81 -21.45
C LEU B 227 -9.50 -25.84 -20.61
N LEU B 228 -10.47 -26.66 -21.01
CA LEU B 228 -11.80 -26.56 -20.45
C LEU B 228 -12.29 -27.86 -19.86
N GLN B 229 -12.83 -27.77 -18.65
CA GLN B 229 -13.28 -28.94 -17.92
C GLN B 229 -14.75 -28.81 -17.56
N ALA B 230 -15.54 -29.79 -17.96
CA ALA B 230 -16.97 -29.76 -17.68
C ALA B 230 -17.44 -30.98 -16.88
N ASN B 231 -18.32 -30.76 -15.90
CA ASN B 231 -18.89 -31.80 -15.06
C ASN B 231 -17.83 -32.69 -14.40
N GLY B 232 -16.65 -32.12 -14.15
CA GLY B 232 -15.58 -32.80 -13.45
C GLY B 232 -14.66 -33.64 -14.32
N ASN B 233 -14.98 -33.74 -15.60
CA ASN B 233 -14.21 -34.60 -16.50
C ASN B 233 -12.89 -33.97 -16.91
N ASP B 234 -12.03 -34.79 -17.50
CA ASP B 234 -10.78 -34.36 -18.12
C ASP B 234 -10.93 -33.08 -18.92
N PRO B 235 -9.98 -32.14 -18.74
CA PRO B 235 -10.04 -30.88 -19.49
C PRO B 235 -9.66 -31.13 -20.94
N GLU B 236 -10.15 -30.29 -21.85
CA GLU B 236 -9.93 -30.47 -23.29
C GLU B 236 -9.38 -29.19 -23.92
N LEU B 237 -8.54 -29.35 -24.95
CA LEU B 237 -7.95 -28.21 -25.64
C LEU B 237 -8.85 -27.66 -26.75
N PHE B 238 -8.90 -26.34 -26.89
CA PHE B 238 -9.56 -25.68 -28.02
C PHE B 238 -8.80 -24.43 -28.43
N GLN B 239 -8.46 -24.31 -29.70
CA GLN B 239 -7.88 -23.05 -30.20
C GLN B 239 -8.95 -21.96 -30.34
N ILE B 240 -8.66 -20.78 -29.80
CA ILE B 240 -9.52 -19.60 -30.01
C ILE B 240 -9.35 -19.08 -31.43
N PRO B 241 -10.46 -18.93 -32.18
CA PRO B 241 -10.33 -18.42 -33.56
C PRO B 241 -9.63 -17.06 -33.57
N PRO B 242 -8.49 -16.98 -34.27
CA PRO B 242 -7.58 -15.84 -34.20
C PRO B 242 -8.27 -14.51 -34.54
N GLU B 243 -9.31 -14.56 -35.35
CA GLU B 243 -10.06 -13.37 -35.72
C GLU B 243 -10.83 -12.80 -34.52
N LEU B 244 -10.93 -13.59 -33.46
CA LEU B 244 -11.61 -13.16 -32.24
C LEU B 244 -10.64 -12.57 -31.21
N VAL B 245 -9.34 -12.80 -31.38
CA VAL B 245 -8.34 -12.26 -30.47
C VAL B 245 -7.81 -10.91 -30.92
N LEU B 246 -8.32 -9.83 -30.31
CA LEU B 246 -7.82 -8.51 -30.67
C LEU B 246 -6.47 -8.25 -30.03
N GLU B 247 -5.47 -7.92 -30.86
CA GLU B 247 -4.11 -7.66 -30.36
C GLU B 247 -3.68 -6.24 -30.73
N VAL B 248 -2.69 -5.73 -30.01
CA VAL B 248 -2.18 -4.39 -30.25
C VAL B 248 -0.67 -4.37 -30.31
N PRO B 249 -0.10 -3.88 -31.43
CA PRO B 249 1.34 -3.68 -31.45
C PRO B 249 1.72 -2.41 -30.70
N ILE B 250 2.71 -2.53 -29.82
CA ILE B 250 3.08 -1.44 -28.94
C ILE B 250 4.18 -0.60 -29.56
N ARG B 251 3.89 0.69 -29.75
CA ARG B 251 4.90 1.62 -30.23
C ARG B 251 4.86 2.95 -29.47
N HIS B 252 5.81 3.83 -29.79
CA HIS B 252 6.02 5.03 -28.99
C HIS B 252 5.88 6.29 -29.81
N PRO B 253 5.09 7.26 -29.30
CA PRO B 253 4.79 8.54 -29.95
C PRO B 253 5.99 9.46 -30.23
N LYS B 254 7.16 9.20 -29.64
CA LYS B 254 8.36 10.01 -29.93
C LYS B 254 9.51 9.17 -30.42
N PHE B 255 9.74 8.05 -29.74
CA PHE B 255 10.83 7.13 -30.06
C PHE B 255 10.50 6.23 -31.24
N GLU B 256 11.27 6.35 -32.31
CA GLU B 256 11.03 5.60 -33.53
C GLU B 256 11.39 4.13 -33.37
N TRP B 257 12.33 3.82 -32.48
CA TRP B 257 12.86 2.47 -32.36
C TRP B 257 11.99 1.55 -31.52
N PHE B 258 11.00 2.11 -30.88
CA PHE B 258 10.26 1.34 -29.89
C PHE B 258 9.51 0.15 -30.50
N LYS B 259 9.06 0.32 -31.74
CA LYS B 259 8.35 -0.76 -32.43
C LYS B 259 9.31 -1.90 -32.78
N ASP B 260 10.60 -1.57 -32.86
CA ASP B 260 11.64 -2.56 -33.15
C ASP B 260 11.96 -3.42 -31.92
N LEU B 261 11.21 -3.21 -30.84
CA LEU B 261 11.26 -4.09 -29.69
C LEU B 261 10.33 -5.27 -29.93
N GLY B 262 9.49 -5.13 -30.97
CA GLY B 262 8.60 -6.19 -31.40
C GLY B 262 7.55 -6.59 -30.38
N LEU B 263 7.22 -5.67 -29.48
CA LEU B 263 6.23 -5.93 -28.44
C LEU B 263 4.80 -5.81 -28.95
N LYS B 264 3.90 -6.55 -28.31
CA LYS B 264 2.47 -6.46 -28.59
C LYS B 264 1.70 -7.07 -27.43
N TRP B 265 0.45 -6.69 -27.27
CA TRP B 265 -0.35 -7.25 -26.20
C TRP B 265 -1.77 -7.40 -26.65
N TYR B 266 -2.53 -8.22 -25.94
CA TYR B 266 -3.93 -8.45 -26.27
C TYR B 266 -4.81 -7.40 -25.62
N GLY B 267 -5.93 -7.11 -26.28
CA GLY B 267 -6.80 -6.02 -25.88
C GLY B 267 -7.71 -6.40 -24.74
N LEU B 268 -8.00 -7.69 -24.61
CA LEU B 268 -9.05 -8.10 -23.69
C LEU B 268 -8.52 -8.77 -22.43
N PRO B 269 -8.64 -8.08 -21.29
CA PRO B 269 -8.27 -8.75 -20.04
C PRO B 269 -9.47 -9.54 -19.50
N ALA B 270 -9.32 -10.85 -19.39
CA ALA B 270 -10.45 -11.67 -18.96
C ALA B 270 -10.02 -12.72 -17.98
N VAL B 271 -10.24 -12.46 -16.70
CA VAL B 271 -9.78 -13.36 -15.66
C VAL B 271 -10.74 -14.53 -15.52
N SER B 272 -10.22 -15.74 -15.66
CA SER B 272 -11.09 -16.91 -15.77
C SER B 272 -10.90 -17.97 -14.68
N ASN B 273 -10.04 -17.70 -13.69
CA ASN B 273 -9.76 -18.74 -12.69
C ASN B 273 -10.31 -18.46 -11.31
N MET B 274 -11.20 -17.48 -11.19
CA MET B 274 -11.79 -17.18 -9.91
C MET B 274 -13.16 -17.84 -9.74
N LEU B 275 -13.71 -17.70 -8.55
CA LEU B 275 -14.93 -18.37 -8.18
C LEU B 275 -15.96 -17.36 -7.69
N LEU B 276 -17.08 -17.27 -8.40
CA LEU B 276 -18.16 -16.39 -8.01
C LEU B 276 -19.02 -17.07 -6.96
N GLU B 277 -19.32 -16.35 -5.90
CA GLU B 277 -20.13 -16.94 -4.84
C GLU B 277 -21.36 -16.09 -4.62
N ILE B 278 -22.53 -16.70 -4.83
CA ILE B 278 -23.80 -16.01 -4.63
C ILE B 278 -24.67 -16.85 -3.73
N GLY B 279 -25.34 -16.21 -2.78
CA GLY B 279 -26.25 -16.86 -1.85
C GLY B 279 -25.92 -18.27 -1.40
N GLY B 280 -24.63 -18.54 -1.19
CA GLY B 280 -24.22 -19.86 -0.71
C GLY B 280 -23.95 -20.86 -1.82
N LEU B 281 -24.16 -20.44 -3.06
CA LEU B 281 -23.84 -21.26 -4.22
C LEU B 281 -22.48 -20.87 -4.74
N GLU B 282 -21.78 -21.84 -5.30
CA GLU B 282 -20.43 -21.62 -5.80
C GLU B 282 -20.30 -21.86 -7.30
N PHE B 283 -19.84 -20.84 -8.02
CA PHE B 283 -19.64 -20.94 -9.45
C PHE B 283 -18.14 -20.97 -9.77
N SER B 284 -17.59 -22.18 -9.87
CA SER B 284 -16.16 -22.41 -10.04
C SER B 284 -15.65 -22.02 -11.41
N ALA B 285 -16.58 -21.70 -12.31
CA ALA B 285 -16.21 -21.26 -13.66
C ALA B 285 -17.09 -20.09 -14.04
N CYS B 286 -16.48 -18.93 -14.20
CA CYS B 286 -17.22 -17.70 -14.39
C CYS B 286 -16.33 -16.63 -14.94
N PRO B 287 -15.76 -16.85 -16.12
CA PRO B 287 -14.81 -15.86 -16.63
C PRO B 287 -15.47 -14.49 -16.76
N PHE B 288 -14.77 -13.44 -16.31
CA PHE B 288 -15.24 -12.06 -16.47
C PHE B 288 -14.16 -11.20 -17.12
N SER B 289 -14.60 -10.19 -17.85
CA SER B 289 -13.69 -9.39 -18.63
C SER B 289 -14.09 -7.92 -18.53
N GLY B 290 -13.13 -7.05 -18.76
CA GLY B 290 -13.36 -5.63 -18.75
C GLY B 290 -12.44 -5.00 -19.78
N TRP B 291 -11.91 -3.83 -19.46
CA TRP B 291 -10.79 -3.34 -20.24
C TRP B 291 -9.58 -3.11 -19.31
N TYR B 292 -8.43 -2.82 -19.91
CA TYR B 292 -7.17 -2.71 -19.19
C TYR B 292 -6.93 -1.33 -18.58
N MET B 293 -6.33 -1.31 -17.39
CA MET B 293 -5.65 -0.11 -16.92
C MET B 293 -4.19 -0.26 -17.36
N GLY B 294 -3.65 0.78 -17.98
CA GLY B 294 -2.35 0.68 -18.63
C GLY B 294 -1.20 0.08 -17.84
N THR B 295 -1.22 0.24 -16.52
CA THR B 295 -0.14 -0.26 -15.66
C THR B 295 -0.19 -1.78 -15.53
N GLU B 296 -1.34 -2.39 -15.84
CA GLU B 296 -1.44 -3.84 -15.77
C GLU B 296 -0.54 -4.50 -16.79
N ILE B 297 -0.48 -3.92 -17.98
CA ILE B 297 0.42 -4.37 -19.02
C ILE B 297 1.82 -3.77 -18.88
N GLY B 298 1.87 -2.44 -18.81
CA GLY B 298 3.12 -1.70 -18.94
C GLY B 298 4.04 -1.71 -17.73
N VAL B 299 3.45 -1.86 -16.55
CA VAL B 299 4.21 -1.85 -15.30
C VAL B 299 4.47 -3.27 -14.79
N ARG B 300 3.45 -4.12 -14.85
CA ARG B 300 3.51 -5.44 -14.25
C ARG B 300 3.82 -6.54 -15.26
N ASP B 301 3.09 -6.55 -16.38
CA ASP B 301 3.27 -7.59 -17.40
C ASP B 301 4.62 -7.48 -18.11
N TYR B 302 5.12 -6.25 -18.25
CA TYR B 302 6.33 -6.01 -19.03
C TYR B 302 7.61 -5.79 -18.22
N CYS B 303 7.46 -5.27 -17.00
CA CYS B 303 8.60 -4.80 -16.22
C CYS B 303 8.89 -5.58 -14.94
N ASP B 304 7.97 -6.41 -14.49
CA ASP B 304 8.23 -7.25 -13.32
C ASP B 304 9.37 -8.19 -13.65
N ASN B 305 10.14 -8.56 -12.63
CA ASN B 305 11.27 -9.45 -12.84
C ASN B 305 10.81 -10.86 -13.18
N SER B 306 9.68 -11.27 -12.60
CA SER B 306 9.11 -12.58 -12.87
C SER B 306 8.23 -12.59 -14.12
N ARG B 307 8.38 -11.55 -14.95
CA ARG B 307 7.60 -11.40 -16.17
C ARG B 307 8.47 -11.09 -17.39
N TYR B 308 7.98 -10.26 -18.30
CA TYR B 308 8.64 -10.02 -19.59
C TYR B 308 9.95 -9.26 -19.44
N ASN B 309 10.06 -8.50 -18.35
CA ASN B 309 11.31 -7.87 -17.87
C ASN B 309 12.19 -7.21 -18.95
N ILE B 310 11.72 -6.09 -19.50
CA ILE B 310 12.38 -5.46 -20.65
C ILE B 310 12.89 -4.06 -20.33
N LEU B 311 12.89 -3.69 -19.05
CA LEU B 311 13.38 -2.39 -18.63
C LEU B 311 14.81 -2.13 -19.07
N GLU B 312 15.70 -3.07 -18.75
CA GLU B 312 17.09 -2.97 -19.14
C GLU B 312 17.19 -2.64 -20.63
N GLU B 313 16.49 -3.42 -21.45
CA GLU B 313 16.54 -3.24 -22.90
C GLU B 313 16.06 -1.86 -23.33
N VAL B 314 14.95 -1.41 -22.76
CA VAL B 314 14.41 -0.10 -23.12
C VAL B 314 15.36 1.02 -22.74
N ALA B 315 15.80 1.03 -21.49
CA ALA B 315 16.69 2.05 -20.98
C ALA B 315 18.02 2.05 -21.74
N LYS B 316 18.38 0.89 -22.28
CA LYS B 316 19.56 0.79 -23.12
C LYS B 316 19.34 1.57 -24.42
N LYS B 317 18.19 1.36 -25.06
CA LYS B 317 17.82 2.10 -26.28
C LYS B 317 17.62 3.59 -25.98
N MET B 318 17.23 3.90 -24.75
CA MET B 318 17.12 5.29 -24.31
C MET B 318 18.48 5.85 -23.91
N ASN B 319 19.50 5.01 -24.01
CA ASN B 319 20.90 5.38 -23.76
C ASN B 319 21.16 6.04 -22.41
N LEU B 320 20.42 5.61 -21.38
CA LEU B 320 20.64 6.09 -20.03
C LEU B 320 21.83 5.38 -19.41
N ASP B 321 22.41 5.98 -18.37
CA ASP B 321 23.47 5.32 -17.61
C ASP B 321 22.83 4.43 -16.54
N MET B 322 23.12 3.14 -16.60
CA MET B 322 22.43 2.17 -15.74
C MET B 322 23.34 1.54 -14.71
N ARG B 323 24.43 2.23 -14.36
CA ARG B 323 25.42 1.65 -13.46
C ARG B 323 25.00 1.76 -11.99
N LYS B 324 24.34 2.86 -11.63
CA LYS B 324 23.84 3.04 -10.27
C LYS B 324 22.34 3.23 -10.23
N THR B 325 21.73 2.79 -9.14
CA THR B 325 20.28 2.87 -8.97
C THR B 325 19.76 4.29 -8.83
N SER B 326 20.59 5.19 -8.31
CA SER B 326 20.14 6.54 -7.96
C SER B 326 20.00 7.47 -9.17
N SER B 327 20.41 7.00 -10.36
CA SER B 327 20.13 7.71 -11.60
C SER B 327 18.66 7.57 -11.98
N LEU B 328 17.96 6.72 -11.24
CA LEU B 328 16.55 6.42 -11.44
C LEU B 328 16.25 5.96 -12.88
N TRP B 329 17.14 5.15 -13.44
CA TRP B 329 17.02 4.75 -14.84
C TRP B 329 15.87 3.77 -15.00
N LYS B 330 15.66 2.90 -14.02
CA LYS B 330 14.51 2.02 -14.05
C LYS B 330 13.23 2.84 -14.08
N ASP B 331 13.29 3.98 -13.41
CA ASP B 331 12.12 4.83 -13.24
C ASP B 331 11.74 5.54 -14.54
N GLN B 332 12.74 6.07 -15.22
CA GLN B 332 12.53 6.71 -16.50
C GLN B 332 11.98 5.70 -17.52
N ALA B 333 12.68 4.59 -17.66
CA ALA B 333 12.31 3.56 -18.63
C ALA B 333 10.90 3.06 -18.38
N LEU B 334 10.50 3.03 -17.12
CA LEU B 334 9.17 2.55 -16.78
C LEU B 334 8.07 3.48 -17.32
N VAL B 335 8.25 4.79 -17.13
CA VAL B 335 7.28 5.78 -17.58
C VAL B 335 7.14 5.72 -19.08
N GLU B 336 8.28 5.67 -19.78
CA GLU B 336 8.28 5.67 -21.22
C GLU B 336 7.53 4.48 -21.82
N ILE B 337 7.54 3.36 -21.10
CA ILE B 337 6.91 2.12 -21.52
C ILE B 337 5.40 2.24 -21.39
N ASN B 338 4.96 2.91 -20.33
CA ASN B 338 3.54 3.05 -20.07
C ASN B 338 2.92 4.12 -20.94
N ILE B 339 3.75 5.02 -21.46
CA ILE B 339 3.30 6.03 -22.39
C ILE B 339 3.00 5.35 -23.72
N ALA B 340 3.95 4.53 -24.15
CA ALA B 340 3.83 3.70 -25.32
C ALA B 340 2.53 2.88 -25.31
N VAL B 341 2.33 2.14 -24.23
CA VAL B 341 1.19 1.24 -24.13
C VAL B 341 -0.12 2.02 -24.32
N LEU B 342 -0.26 3.13 -23.59
CA LEU B 342 -1.44 3.98 -23.69
C LEU B 342 -1.61 4.58 -25.09
N TYR B 343 -0.50 4.99 -25.68
CA TYR B 343 -0.54 5.56 -27.02
C TYR B 343 -0.95 4.51 -28.06
N SER B 344 -0.49 3.29 -27.85
CA SER B 344 -0.70 2.19 -28.77
C SER B 344 -2.15 1.74 -28.80
N PHE B 345 -2.73 1.61 -27.60
CA PHE B 345 -4.12 1.24 -27.47
C PHE B 345 -5.05 2.31 -28.02
N GLN B 346 -4.81 3.55 -27.62
CA GLN B 346 -5.66 4.65 -28.06
C GLN B 346 -5.58 4.89 -29.56
N SER B 347 -4.43 4.56 -30.15
CA SER B 347 -4.26 4.73 -31.58
C SER B 347 -5.07 3.70 -32.34
N ASP B 348 -5.19 2.51 -31.76
CA ASP B 348 -5.94 1.44 -32.36
C ASP B 348 -7.39 1.46 -31.91
N LYS B 349 -7.83 2.58 -31.35
CA LYS B 349 -9.19 2.71 -30.84
C LYS B 349 -9.60 1.51 -29.96
N VAL B 350 -8.72 1.08 -29.07
CA VAL B 350 -9.02 -0.04 -28.18
C VAL B 350 -9.15 0.46 -26.74
N THR B 351 -10.32 0.25 -26.15
CA THR B 351 -10.60 0.78 -24.83
C THR B 351 -9.52 0.45 -23.80
N ILE B 352 -8.87 1.50 -23.29
CA ILE B 352 -7.89 1.38 -22.22
C ILE B 352 -8.09 2.57 -21.28
N VAL B 353 -7.48 2.52 -20.11
CA VAL B 353 -7.55 3.67 -19.20
C VAL B 353 -6.23 3.87 -18.45
N ASP B 354 -5.81 5.13 -18.32
CA ASP B 354 -4.58 5.44 -17.60
C ASP B 354 -4.89 5.41 -16.12
N HIS B 355 -3.85 5.18 -15.32
CA HIS B 355 -4.04 5.04 -13.88
C HIS B 355 -4.50 6.34 -13.20
N HIS B 356 -4.30 7.49 -13.86
CA HIS B 356 -4.81 8.75 -13.29
C HIS B 356 -6.32 8.83 -13.40
N SER B 357 -6.84 8.63 -14.60
CA SER B 357 -8.28 8.63 -14.81
C SER B 357 -8.98 7.55 -14.00
N ALA B 358 -8.36 6.38 -13.90
CA ALA B 358 -8.95 5.25 -13.19
C ALA B 358 -9.10 5.55 -11.70
N THR B 359 -8.06 6.14 -11.12
CA THR B 359 -8.09 6.51 -9.70
C THR B 359 -9.11 7.65 -9.43
N GLU B 360 -9.14 8.67 -10.29
CA GLU B 360 -10.19 9.70 -10.22
C GLU B 360 -11.60 9.10 -10.19
N SER B 361 -11.88 8.21 -11.15
CA SER B 361 -13.16 7.52 -11.21
CA SER B 361 -13.18 7.55 -11.21
C SER B 361 -13.49 6.82 -9.91
N PHE B 362 -12.47 6.16 -9.33
CA PHE B 362 -12.71 5.38 -8.12
C PHE B 362 -13.00 6.29 -6.90
N ILE B 363 -12.31 7.41 -6.77
CA ILE B 363 -12.65 8.35 -5.70
C ILE B 363 -14.11 8.79 -5.86
N LYS B 364 -14.48 9.19 -7.07
CA LYS B 364 -15.88 9.53 -7.33
C LYS B 364 -16.82 8.35 -7.02
N HIS B 365 -16.44 7.15 -7.44
CA HIS B 365 -17.23 5.95 -7.14
C HIS B 365 -17.41 5.75 -5.64
N MET B 366 -16.31 5.82 -4.88
CA MET B 366 -16.31 5.74 -3.41
C MET B 366 -17.33 6.68 -2.78
N GLU B 367 -17.25 7.96 -3.14
CA GLU B 367 -18.20 8.98 -2.68
C GLU B 367 -19.65 8.61 -2.99
N ASN B 368 -19.89 8.12 -4.20
CA ASN B 368 -21.20 7.59 -4.58
C ASN B 368 -21.67 6.49 -3.66
N GLU B 369 -20.79 5.54 -3.41
CA GLU B 369 -21.14 4.40 -2.59
C GLU B 369 -21.37 4.83 -1.15
N TYR B 370 -20.60 5.81 -0.68
CA TYR B 370 -20.80 6.23 0.69
C TYR B 370 -22.13 6.96 0.78
N ARG B 371 -22.54 7.61 -0.30
CA ARG B 371 -23.83 8.30 -0.32
C ARG B 371 -25.01 7.33 -0.29
N CYS B 372 -25.05 6.44 -1.26
CA CYS B 372 -26.25 5.65 -1.51
C CYS B 372 -26.25 4.31 -0.79
N ARG B 373 -25.10 3.89 -0.27
CA ARG B 373 -24.97 2.54 0.27
C ARG B 373 -24.37 2.48 1.68
N GLY B 374 -23.78 3.58 2.14
CA GLY B 374 -23.25 3.63 3.50
C GLY B 374 -21.81 3.17 3.63
N GLY B 375 -21.18 2.90 2.49
CA GLY B 375 -19.80 2.46 2.51
C GLY B 375 -19.34 1.92 1.17
N CYS B 376 -18.09 1.51 1.13
CA CYS B 376 -17.48 0.92 -0.06
C CYS B 376 -16.17 0.26 0.32
N PRO B 377 -16.17 -1.09 0.45
CA PRO B 377 -14.97 -1.83 0.82
C PRO B 377 -13.87 -1.64 -0.22
N ALA B 378 -12.65 -1.43 0.23
CA ALA B 378 -11.57 -1.06 -0.66
C ALA B 378 -10.23 -1.41 -0.05
N ASP B 379 -9.37 -2.03 -0.85
CA ASP B 379 -8.07 -2.50 -0.40
C ASP B 379 -7.03 -1.57 -0.99
N TRP B 380 -6.50 -0.71 -0.12
CA TRP B 380 -5.61 0.37 -0.50
C TRP B 380 -4.38 -0.22 -1.18
N VAL B 381 -3.92 -1.32 -0.61
CA VAL B 381 -2.73 -2.01 -1.08
C VAL B 381 -2.85 -2.41 -2.56
N TRP B 382 -4.06 -2.77 -2.99
CA TRP B 382 -4.33 -3.09 -4.40
C TRP B 382 -4.89 -1.93 -5.23
N ILE B 383 -5.67 -1.05 -4.61
CA ILE B 383 -6.18 0.15 -5.29
C ILE B 383 -5.08 1.15 -5.77
N VAL B 384 -4.03 1.35 -4.98
CA VAL B 384 -2.98 2.31 -5.38
C VAL B 384 -2.17 1.75 -6.53
N PRO B 385 -2.07 2.50 -7.63
CA PRO B 385 -1.37 2.02 -8.83
C PRO B 385 0.09 1.71 -8.56
N PRO B 386 0.64 0.68 -9.24
CA PRO B 386 1.99 0.18 -8.95
C PRO B 386 3.09 1.10 -9.50
N MET B 387 2.72 2.29 -9.97
CA MET B 387 3.69 3.33 -10.29
C MET B 387 3.09 4.70 -9.94
N SER B 388 3.94 5.71 -9.77
CA SER B 388 3.50 7.09 -9.51
C SER B 388 2.36 7.19 -8.47
N GLY B 389 2.49 6.45 -7.38
CA GLY B 389 1.39 6.30 -6.44
C GLY B 389 0.87 7.57 -5.81
N SER B 390 1.76 8.36 -5.20
CA SER B 390 1.31 9.49 -4.39
C SER B 390 0.85 10.69 -5.21
N ILE B 391 1.01 10.63 -6.54
CA ILE B 391 0.38 11.63 -7.41
C ILE B 391 -0.92 11.10 -8.06
N THR B 392 -1.56 10.13 -7.41
CA THR B 392 -2.92 9.76 -7.77
C THR B 392 -3.75 10.02 -6.54
N PRO B 393 -5.03 10.36 -6.72
CA PRO B 393 -5.93 10.75 -5.62
C PRO B 393 -6.14 9.68 -4.56
N VAL B 394 -5.91 8.42 -4.91
CA VAL B 394 -6.21 7.33 -4.00
C VAL B 394 -5.09 7.11 -2.97
N PHE B 395 -3.91 7.67 -3.21
CA PHE B 395 -2.82 7.50 -2.25
C PHE B 395 -3.20 8.07 -0.90
N HIS B 396 -3.79 9.27 -0.91
CA HIS B 396 -4.11 10.00 0.32
C HIS B 396 -5.51 9.73 0.83
N GLN B 397 -6.18 8.79 0.18
CA GLN B 397 -7.51 8.35 0.56
C GLN B 397 -7.47 7.24 1.59
N GLU B 398 -8.01 7.45 2.77
CA GLU B 398 -8.10 6.31 3.70
C GLU B 398 -9.20 5.40 3.19
N MET B 399 -9.05 4.10 3.42
CA MET B 399 -9.99 3.12 2.93
C MET B 399 -10.28 2.04 3.97
N LEU B 400 -11.55 1.73 4.18
CA LEU B 400 -11.91 0.57 5.00
C LEU B 400 -12.08 -0.67 4.11
N ASN B 401 -11.59 -1.80 4.60
CA ASN B 401 -11.65 -3.03 3.84
C ASN B 401 -12.39 -4.10 4.61
N TYR B 402 -13.40 -4.67 3.98
CA TYR B 402 -14.23 -5.67 4.62
C TYR B 402 -14.87 -6.58 3.58
N ARG B 403 -15.38 -7.72 4.02
CA ARG B 403 -15.73 -8.75 3.05
C ARG B 403 -17.24 -8.90 2.89
N LEU B 404 -17.73 -8.31 1.80
CA LEU B 404 -19.15 -8.35 1.50
C LEU B 404 -19.45 -9.49 0.56
N THR B 405 -20.67 -10.01 0.63
CA THR B 405 -21.07 -11.05 -0.30
C THR B 405 -22.39 -10.69 -0.99
N PRO B 406 -22.57 -11.04 -2.28
CA PRO B 406 -21.72 -11.86 -3.18
C PRO B 406 -20.30 -11.37 -3.39
N SER B 407 -19.40 -12.32 -3.67
CA SER B 407 -18.03 -11.94 -3.93
C SER B 407 -17.37 -12.88 -4.91
N PHE B 408 -16.30 -12.38 -5.54
CA PHE B 408 -15.35 -13.23 -6.23
C PHE B 408 -14.26 -13.70 -5.28
N GLU B 409 -14.05 -15.01 -5.24
CA GLU B 409 -13.08 -15.64 -4.36
C GLU B 409 -11.95 -16.29 -5.18
N TYR B 410 -10.81 -16.50 -4.53
CA TYR B 410 -9.75 -17.30 -5.11
C TYR B 410 -10.10 -18.78 -4.93
N GLN B 411 -9.57 -19.62 -5.81
CA GLN B 411 -9.69 -21.06 -5.68
C GLN B 411 -8.38 -21.71 -6.08
N PRO B 412 -8.16 -22.95 -5.62
CA PRO B 412 -6.92 -23.66 -5.99
C PRO B 412 -6.81 -23.90 -7.51
N ASP B 413 -5.59 -23.92 -8.03
CA ASP B 413 -5.36 -24.31 -9.43
C ASP B 413 -5.81 -25.76 -9.65
N PRO B 414 -6.60 -26.00 -10.71
CA PRO B 414 -7.30 -27.28 -10.90
C PRO B 414 -6.37 -28.47 -11.04
N TRP B 415 -5.16 -28.28 -11.55
CA TRP B 415 -4.22 -29.41 -11.71
C TRP B 415 -3.60 -29.87 -10.39
N ASN B 416 -3.95 -29.21 -9.29
CA ASN B 416 -3.47 -29.65 -7.98
C ASN B 416 -4.46 -30.61 -7.32
N THR B 417 -5.67 -30.67 -7.87
CA THR B 417 -6.74 -31.49 -7.31
C THR B 417 -7.16 -32.63 -8.23
N HIS B 418 -7.36 -32.30 -9.50
CA HIS B 418 -8.03 -33.18 -10.44
C HIS B 418 -7.33 -34.52 -10.65
N VAL B 419 -7.97 -35.60 -10.21
CA VAL B 419 -7.48 -36.93 -10.51
C VAL B 419 -7.82 -37.23 -11.97
N TRP B 420 -6.80 -37.45 -12.78
CA TRP B 420 -7.00 -37.68 -14.20
C TRP B 420 -7.69 -39.03 -14.43
N LYS B 421 -8.30 -39.17 -15.60
CA LYS B 421 -9.21 -40.28 -15.83
C LYS B 421 -8.89 -40.99 -17.15
CHA HEM C . 9.18 6.67 9.03
CHB HEM C . 13.14 6.54 6.29
CHC HEM C . 15.66 6.91 10.44
CHD HEM C . 11.75 6.37 13.23
C1A HEM C . 10.00 6.73 7.92
C2A HEM C . 9.61 6.96 6.53
C3A HEM C . 10.71 6.94 5.77
C4A HEM C . 11.82 6.68 6.64
CMA HEM C . 10.80 7.15 4.25
CAA HEM C . 8.19 7.23 6.02
CBA HEM C . 7.79 8.60 6.55
CGA HEM C . 7.20 9.47 5.48
O1A HEM C . 6.76 8.94 4.42
O2A HEM C . 7.18 10.72 5.67
C1B HEM C . 14.16 6.62 7.20
C2B HEM C . 15.57 6.63 6.86
C3B HEM C . 16.28 6.73 7.99
C4B HEM C . 15.31 6.79 9.10
CMB HEM C . 16.16 6.55 5.45
CAB HEM C . 17.82 6.78 8.02
CBB HEM C . 18.52 6.63 9.16
C1C HEM C . 14.84 6.84 11.55
C2C HEM C . 15.27 6.94 12.94
C3C HEM C . 14.19 6.82 13.73
C4C HEM C . 13.05 6.59 12.86
CMC HEM C . 16.72 7.24 13.36
CAC HEM C . 14.08 6.84 15.27
CBC HEM C . 15.11 6.55 16.08
C1D HEM C . 10.70 6.44 12.34
C2D HEM C . 9.31 6.44 12.72
C3D HEM C . 8.52 6.53 11.40
C4D HEM C . 9.53 6.58 10.36
CMD HEM C . 8.76 6.34 14.15
CAD HEM C . 7.00 6.56 11.21
CBD HEM C . 6.28 5.49 12.04
CGD HEM C . 4.92 6.02 12.43
O1D HEM C . 4.51 7.08 11.88
O2D HEM C . 4.26 5.40 13.30
NA HEM C . 11.36 6.56 7.93
NB HEM C . 14.01 6.70 8.58
NC HEM C . 13.49 6.62 11.55
ND HEM C . 10.81 6.51 10.95
FE HEM C . 12.47 6.23 9.72
N1 H4B D . 3.37 6.14 2.89
C2 H4B D . 4.41 6.98 3.20
N2 H4B D . 5.69 6.57 3.05
N3 H4B D . 4.14 8.23 3.66
C4 H4B D . 2.88 8.67 3.82
O4 H4B D . 2.67 9.84 4.26
C4A H4B D . 1.82 7.84 3.52
C8A H4B D . 2.09 6.56 3.04
N5 H4B D . 0.54 8.24 3.68
N8 H4B D . 1.07 5.72 2.74
C6 H4B D . -0.42 7.18 3.92
C7 H4B D . -0.34 6.13 2.82
C9 H4B D . -1.83 7.73 4.08
O9 H4B D . -1.94 8.93 3.32
C10 H4B D . -2.86 6.69 3.62
C11 H4B D . -4.24 7.30 3.34
O10 H4B D . -2.99 5.68 4.62
N29 OT4 E . 3.58 12.81 6.58
C28 OT4 E . 4.23 13.01 7.89
C27 OT4 E . 5.73 12.75 7.81
C23 OT4 E . 6.18 11.65 8.75
C22 OT4 E . 7.45 11.41 8.89
C24 OT4 E . 5.24 10.91 9.45
C25 OT4 E . 5.66 9.90 10.30
C26 OT4 E . 7.03 9.70 10.40
C21 OT4 E . 7.91 10.46 9.64
C08 OT4 E . 9.40 10.31 9.74
C09 OT4 E . 10.18 10.29 8.59
C07 OT4 E . 10.02 10.23 10.98
C06 OT4 E . 11.41 10.15 11.07
C05 OT4 E . 12.19 10.11 9.92
C04 OT4 E . 13.57 10.02 10.00
C11 OT4 E . 14.26 9.96 11.33
C03 OT4 E . 14.33 9.98 8.84
C02 OT4 E . 13.68 10.05 7.61
N02 OT4 E . 14.40 10.01 6.46
N01 OT4 E . 12.33 10.15 7.55
C10 OT4 E . 11.57 10.18 8.67
ZN ZN F . -5.60 -5.10 8.82
CHA HEM G . -8.88 -6.26 -9.74
CHB HEM G . -9.06 -2.78 -13.12
CHC HEM G . -13.37 -4.58 -14.53
CHD HEM G . -13.41 -7.79 -10.94
C1A HEM G . -8.49 -5.23 -10.59
C2A HEM G . -7.17 -4.63 -10.71
C3A HEM G . -7.23 -3.67 -11.64
C4A HEM G . -8.58 -3.63 -12.15
CMA HEM G . -6.07 -2.76 -12.10
CAA HEM G . -5.89 -4.99 -9.92
CBA HEM G . -5.47 -6.41 -10.24
CGA HEM G . -3.97 -6.49 -10.44
O1A HEM G . -3.36 -5.44 -10.75
O2A HEM G . -3.41 -7.60 -10.30
C1B HEM G . -10.25 -2.95 -13.80
C2B HEM G . -10.76 -2.14 -14.89
C3B HEM G . -11.95 -2.63 -15.26
C4B HEM G . -12.24 -3.79 -14.43
CMB HEM G . -10.08 -0.91 -15.50
CAB HEM G . -12.81 -2.02 -16.39
CBB HEM G . -14.13 -2.24 -16.48
C1C HEM G . -13.75 -5.66 -13.75
C2C HEM G . -14.85 -6.57 -13.97
C3C HEM G . -14.84 -7.47 -12.98
C4C HEM G . -13.77 -7.13 -12.09
CMC HEM G . -15.82 -6.51 -15.17
CAC HEM G . -15.82 -8.62 -12.70
CBC HEM G . -17.12 -8.48 -12.90
C1D HEM G . -12.19 -7.71 -10.32
C2D HEM G . -11.77 -8.60 -9.27
C3D HEM G . -10.35 -8.13 -8.88
C4D HEM G . -10.05 -7.00 -9.74
CMD HEM G . -12.57 -9.78 -8.66
CAD HEM G . -9.50 -8.78 -7.76
CBD HEM G . -10.28 -8.46 -6.48
CGD HEM G . -9.92 -9.23 -5.25
O1D HEM G . -9.00 -10.12 -5.27
O2D HEM G . -10.59 -8.92 -4.22
NA HEM G . -9.31 -4.59 -11.49
NB HEM G . -11.19 -3.95 -13.54
NC HEM G . -13.12 -6.03 -12.59
ND HEM G . -11.17 -6.79 -10.57
FE HEM G . -11.36 -5.19 -11.89
N1 H4B H . -1.65 -4.51 -6.19
C2 H4B H . -2.08 -4.76 -7.45
N2 H4B H . -2.93 -3.88 -8.06
N3 H4B H . -1.67 -5.88 -8.10
C4 H4B H . -0.82 -6.76 -7.49
O4 H4B H . -0.46 -7.79 -8.09
C4A H4B H . -0.39 -6.51 -6.20
C8A H4B H . -0.81 -5.36 -5.56
N5 H4B H . 0.44 -7.37 -5.56
N8 H4B H . -0.41 -5.08 -4.30
C6 H4B H . 0.32 -7.36 -4.13
C7 H4B H . 0.53 -5.94 -3.59
C9 H4B H . 1.31 -8.34 -3.50
O9 H4B H . 2.46 -8.43 -4.35
C10 H4B H . 1.67 -7.90 -2.08
C11 H4B H . 2.69 -8.83 -1.44
O10 H4B H . 0.48 -7.87 -1.27
N29 OT4 I . -1.95 -9.73 -9.93
C28 OT4 I . -2.38 -11.01 -10.52
C27 OT4 I . -3.46 -10.76 -11.57
C23 OT4 I . -4.85 -10.58 -10.99
C22 OT4 I . -5.73 -9.96 -11.70
C24 OT4 I . -5.18 -11.06 -9.72
C25 OT4 I . -6.47 -10.86 -9.24
C26 OT4 I . -7.37 -10.18 -10.06
C21 OT4 I . -6.93 -9.72 -11.29
C08 OT4 I . -7.83 -9.02 -12.26
C09 OT4 I . -7.40 -7.94 -13.03
C07 OT4 I . -9.13 -9.49 -12.42
C06 OT4 I . -10.00 -8.90 -13.32
C05 OT4 I . -9.57 -7.83 -14.08
C04 OT4 I . -10.44 -7.23 -14.99
C11 OT4 I . -11.83 -7.76 -15.16
C03 OT4 I . -10.00 -6.16 -15.75
C02 OT4 I . -8.69 -5.69 -15.57
N02 OT4 I . -8.25 -4.63 -16.30
N01 OT4 I . -7.87 -6.30 -14.68
C10 OT4 I . -8.27 -7.35 -13.93
#